data_8FBC
#
_entry.id   8FBC
#
_cell.length_a   85.931
_cell.length_b   95.610
_cell.length_c   100.433
_cell.angle_alpha   90.000
_cell.angle_beta   90.000
_cell.angle_gamma   90.000
#
_symmetry.space_group_name_H-M   'P 2 21 21'
#
loop_
_entity.id
_entity.type
_entity.pdbx_description
1 polymer 'Cytochrome P450'
2 non-polymer 'PROTOPORPHYRIN IX CONTAINING FE'
3 water water
#
_entity_poly.entity_id   1
_entity_poly.type   'polypeptide(L)'
_entity_poly.pdbx_seq_one_letter_code
;MGLGSFHFDPYSPAIDADPFPSYKRLRDEFPCFWSEEAQMWILSRYSDIVTAGQDWQTYSSASGNLMTELPGRAGATLGS
SDPPKHDRLRGLIQHAFMKRNLMALEEPIRDVAKQVFAQVKGVKEFDFKDVSSQFTVKVLMAALGLPMGEDALVPEHEVR
ENAVLMVQSDARTRAKGPEHIAAYNWMQDYASKVIAMRRASPQNDLISNFALAEIDGDRLDDREVLLTTTTLIMAGVESL
GGFMMMFAYNLATFDEARRAVVANPALLPDAIEESLRFNTSAQRFRRRLMKDVTLHGQTMKEGDFVCLAYGSGNRDERQY
PNPDVYDIARKPRGHLGFGGGVHACLGTAIARLAVKIAFEEFHQVVPDYRRVADQLPWMPSSTFRSPLVLQLKAQ
;
_entity_poly.pdbx_strand_id   A,B
#
loop_
_chem_comp.id
_chem_comp.type
_chem_comp.name
_chem_comp.formula
HEM non-polymer 'PROTOPORPHYRIN IX CONTAINING FE' 'C34 H32 Fe N4 O4'
#
# COMPACT_ATOMS: atom_id res chain seq x y z
N LEU A 3 15.47 4.32 16.81
CA LEU A 3 15.70 4.79 15.45
C LEU A 3 17.06 4.29 14.95
N GLY A 4 17.06 3.71 13.74
CA GLY A 4 18.27 3.25 13.11
C GLY A 4 18.49 1.75 13.14
N SER A 5 17.84 1.04 14.06
CA SER A 5 18.01 -0.41 14.15
C SER A 5 17.34 -1.09 12.96
N PHE A 6 17.99 -2.11 12.41
CA PHE A 6 17.46 -2.75 11.22
C PHE A 6 16.41 -3.79 11.58
N HIS A 7 15.28 -3.72 10.87
CA HIS A 7 14.20 -4.68 11.01
C HIS A 7 13.85 -5.22 9.64
N PHE A 8 13.42 -6.48 9.61
CA PHE A 8 12.81 -7.07 8.43
C PHE A 8 11.48 -7.67 8.86
N ASP A 9 10.39 -7.01 8.48
CA ASP A 9 9.05 -7.41 8.89
C ASP A 9 8.28 -7.79 7.63
N PRO A 10 8.14 -9.09 7.34
CA PRO A 10 7.40 -9.49 6.13
C PRO A 10 5.91 -9.27 6.23
N TYR A 11 5.42 -8.75 7.35
CA TYR A 11 4.04 -8.32 7.51
C TYR A 11 3.86 -6.84 7.22
N SER A 12 4.94 -6.14 6.80
CA SER A 12 4.93 -4.69 6.64
C SER A 12 4.53 -4.29 5.22
N PRO A 13 3.65 -3.30 5.04
CA PRO A 13 3.39 -2.81 3.68
C PRO A 13 4.63 -2.27 2.98
N ALA A 14 5.63 -1.81 3.73
CA ALA A 14 6.87 -1.38 3.09
C ALA A 14 7.57 -2.52 2.38
N ILE A 15 7.54 -3.71 2.97
CA ILE A 15 8.18 -4.89 2.37
C ILE A 15 7.33 -5.43 1.22
N ASP A 16 6.00 -5.32 1.28
CA ASP A 16 5.16 -5.61 0.11
C ASP A 16 5.61 -4.80 -1.08
N ALA A 17 5.76 -3.48 -0.90
CA ALA A 17 5.98 -2.57 -2.01
C ALA A 17 7.41 -2.62 -2.53
N ASP A 18 8.40 -2.71 -1.64
CA ASP A 18 9.80 -2.71 -2.08
C ASP A 18 10.64 -3.48 -1.09
N PRO A 19 10.71 -4.81 -1.26
CA PRO A 19 11.52 -5.62 -0.35
C PRO A 19 13.00 -5.56 -0.67
N PHE A 20 13.39 -5.02 -1.81
CA PHE A 20 14.72 -5.31 -2.34
C PHE A 20 15.84 -4.62 -1.58
N PRO A 21 15.70 -3.36 -1.13
CA PRO A 21 16.78 -2.79 -0.32
C PRO A 21 16.99 -3.55 0.97
N SER A 22 15.90 -3.97 1.62
CA SER A 22 16.02 -4.75 2.85
C SER A 22 16.66 -6.11 2.57
N TYR A 23 16.26 -6.76 1.47
CA TYR A 23 16.90 -8.01 1.10
C TYR A 23 18.41 -7.83 0.95
N LYS A 24 18.84 -6.73 0.35
CA LYS A 24 20.28 -6.52 0.17
C LYS A 24 20.99 -6.34 1.51
N ARG A 25 20.40 -5.61 2.44
CA ARG A 25 20.99 -5.49 3.76
C ARG A 25 21.04 -6.85 4.46
N LEU A 26 20.00 -7.66 4.30
CA LEU A 26 20.05 -9.00 4.84
C LEU A 26 21.23 -9.77 4.26
N ARG A 27 21.35 -9.78 2.94
CA ARG A 27 22.41 -10.57 2.32
C ARG A 27 23.80 -10.09 2.76
N ASP A 28 23.98 -8.78 2.84
CA ASP A 28 25.31 -8.23 3.03
C ASP A 28 25.68 -8.13 4.49
N GLU A 29 24.73 -7.80 5.35
CA GLU A 29 25.02 -7.51 6.74
C GLU A 29 24.47 -8.55 7.72
N PHE A 30 23.34 -9.17 7.39
CA PHE A 30 22.62 -10.05 8.32
C PHE A 30 22.18 -11.33 7.62
N PRO A 31 23.12 -12.14 7.14
CA PRO A 31 22.74 -13.28 6.27
C PRO A 31 22.03 -14.42 6.99
N CYS A 32 21.94 -14.41 8.30
CA CYS A 32 21.08 -15.34 9.04
C CYS A 32 20.42 -14.50 10.13
N PHE A 33 19.30 -13.87 9.79
CA PHE A 33 18.73 -12.78 10.57
C PHE A 33 17.50 -13.24 11.33
N TRP A 34 17.45 -12.92 12.62
CA TRP A 34 16.26 -13.20 13.41
C TRP A 34 15.32 -12.01 13.28
N SER A 35 14.15 -12.24 12.71
CA SER A 35 13.08 -11.25 12.60
C SER A 35 12.13 -11.40 13.78
N GLU A 36 12.08 -10.39 14.65
CA GLU A 36 11.19 -10.48 15.80
C GLU A 36 9.73 -10.31 15.40
N GLU A 37 9.46 -9.66 14.27
CA GLU A 37 8.06 -9.50 13.85
C GLU A 37 7.52 -10.79 13.28
N ALA A 38 8.34 -11.53 12.54
CA ALA A 38 7.92 -12.81 11.99
C ALA A 38 8.21 -13.97 12.93
N GLN A 39 9.03 -13.73 13.94
CA GLN A 39 9.47 -14.79 14.84
C GLN A 39 10.05 -15.96 14.05
N MET A 40 10.94 -15.63 13.12
CA MET A 40 11.67 -16.65 12.39
C MET A 40 12.98 -16.08 11.88
N TRP A 41 13.90 -16.98 11.55
CA TRP A 41 15.15 -16.63 10.89
C TRP A 41 14.89 -16.38 9.41
N ILE A 42 15.72 -15.52 8.81
CA ILE A 42 15.61 -15.18 7.40
C ILE A 42 16.91 -15.59 6.71
N LEU A 43 16.78 -16.40 5.67
CA LEU A 43 17.88 -16.69 4.76
C LEU A 43 17.69 -15.90 3.48
N SER A 44 18.75 -15.25 3.02
CA SER A 44 18.65 -14.25 1.96
C SER A 44 19.65 -14.44 0.83
N ARG A 45 20.78 -15.08 1.09
CA ARG A 45 21.77 -15.33 0.04
C ARG A 45 21.37 -16.54 -0.81
N TYR A 46 21.62 -16.44 -2.12
CA TYR A 46 21.30 -17.51 -3.05
C TYR A 46 21.83 -18.85 -2.56
N SER A 47 23.11 -18.92 -2.20
CA SER A 47 23.70 -20.22 -1.92
C SER A 47 23.13 -20.83 -0.64
N ASP A 48 22.79 -20.00 0.34
CA ASP A 48 22.22 -20.51 1.58
C ASP A 48 20.81 -21.04 1.34
N ILE A 49 20.05 -20.36 0.47
CA ILE A 49 18.69 -20.79 0.18
C ILE A 49 18.69 -22.08 -0.63
N VAL A 50 19.62 -22.23 -1.57
CA VAL A 50 19.74 -23.48 -2.31
C VAL A 50 20.03 -24.63 -1.35
N THR A 51 21.00 -24.43 -0.45
CA THR A 51 21.39 -25.49 0.47
C THR A 51 20.24 -25.86 1.39
N ALA A 52 19.53 -24.86 1.93
CA ALA A 52 18.45 -25.14 2.87
C ALA A 52 17.27 -25.78 2.15
N GLY A 53 16.95 -25.29 0.94
CA GLY A 53 15.83 -25.88 0.22
C GLY A 53 16.07 -27.30 -0.20
N GLN A 54 17.32 -27.67 -0.51
CA GLN A 54 17.65 -29.04 -0.86
C GLN A 54 17.66 -29.95 0.36
N ASP A 55 18.00 -29.41 1.53
CA ASP A 55 18.18 -30.21 2.73
C ASP A 55 16.85 -30.26 3.50
N TRP A 56 15.89 -31.00 2.93
CA TRP A 56 14.58 -31.10 3.54
C TRP A 56 14.64 -31.83 4.88
N GLN A 57 15.65 -32.67 5.11
CA GLN A 57 15.76 -33.38 6.37
C GLN A 57 16.04 -32.42 7.52
N THR A 58 16.71 -31.32 7.23
CA THR A 58 17.00 -30.28 8.21
C THR A 58 15.93 -29.20 8.20
N TYR A 59 15.45 -28.82 7.02
CA TYR A 59 14.52 -27.71 6.84
C TYR A 59 13.19 -28.28 6.33
N SER A 60 12.29 -28.57 7.27
CA SER A 60 11.08 -29.32 7.00
C SER A 60 9.97 -28.40 6.52
N SER A 61 9.13 -28.95 5.63
CA SER A 61 7.91 -28.29 5.18
C SER A 61 6.66 -28.79 5.91
N ALA A 62 6.81 -29.73 6.84
CA ALA A 62 5.68 -30.44 7.41
C ALA A 62 4.89 -29.60 8.41
N SER A 63 5.39 -28.42 8.77
CA SER A 63 4.63 -27.49 9.59
C SER A 63 4.07 -26.33 8.77
N GLY A 64 4.03 -26.49 7.45
CA GLY A 64 3.53 -25.45 6.57
C GLY A 64 4.66 -24.75 5.84
N ASN A 65 4.44 -24.42 4.56
CA ASN A 65 5.44 -23.69 3.78
C ASN A 65 5.05 -22.25 3.48
N LEU A 66 3.79 -21.86 3.66
CA LEU A 66 3.40 -20.47 3.54
C LEU A 66 3.87 -19.70 4.76
N MET A 67 4.20 -18.41 4.57
CA MET A 67 4.70 -17.63 5.69
C MET A 67 3.67 -17.50 6.79
N THR A 68 2.38 -17.44 6.43
CA THR A 68 1.28 -17.40 7.37
C THR A 68 0.44 -18.65 7.18
N GLU A 69 -0.09 -19.16 8.30
CA GLU A 69 -0.26 -20.59 8.48
C GLU A 69 -1.54 -21.13 7.83
N LEU A 70 -1.49 -22.40 7.43
CA LEU A 70 -2.50 -23.09 6.65
C LEU A 70 -3.24 -24.11 7.52
N PRO A 71 -4.58 -24.07 7.57
CA PRO A 71 -5.27 -24.78 8.65
C PRO A 71 -5.36 -26.31 8.56
N GLY A 72 -5.39 -26.89 7.37
CA GLY A 72 -5.97 -28.22 7.21
C GLY A 72 -5.12 -29.47 7.35
N ARG A 73 -5.18 -30.30 6.31
CA ARG A 73 -4.67 -31.68 6.35
C ARG A 73 -3.35 -31.72 5.58
N ALA A 74 -2.24 -31.46 6.29
CA ALA A 74 -0.95 -31.35 5.62
C ALA A 74 -0.50 -32.69 5.03
N GLY A 75 -0.91 -33.80 5.62
CA GLY A 75 -0.49 -35.11 5.15
C GLY A 75 -0.98 -35.45 3.76
N ALA A 76 -1.96 -34.72 3.25
CA ALA A 76 -2.49 -34.94 1.91
C ALA A 76 -2.04 -33.87 0.93
N THR A 77 -1.23 -32.91 1.36
CA THR A 77 -0.74 -31.86 0.49
C THR A 77 0.72 -32.11 0.14
N LEU A 78 1.13 -31.51 -0.97
CA LEU A 78 2.53 -31.56 -1.33
C LEU A 78 3.32 -30.50 -0.57
N GLY A 79 2.82 -29.26 -0.57
CA GLY A 79 3.63 -28.15 -0.10
C GLY A 79 3.93 -28.21 1.38
N SER A 80 3.04 -28.81 2.16
CA SER A 80 3.19 -28.91 3.61
C SER A 80 3.48 -30.34 4.07
N SER A 81 4.19 -31.12 3.26
CA SER A 81 4.55 -32.47 3.65
C SER A 81 6.02 -32.71 3.35
N ASP A 82 6.59 -33.61 4.09
CA ASP A 82 7.96 -34.05 3.86
C ASP A 82 7.95 -35.41 3.18
N PRO A 83 9.04 -35.78 2.51
CA PRO A 83 9.20 -37.18 2.12
C PRO A 83 9.22 -38.06 3.34
N PRO A 84 8.83 -39.34 3.22
CA PRO A 84 8.47 -40.04 1.97
C PRO A 84 7.08 -39.76 1.43
N LYS A 85 6.14 -39.39 2.31
CA LYS A 85 4.77 -39.17 1.87
C LYS A 85 4.72 -38.17 0.72
N HIS A 86 5.46 -37.07 0.83
CA HIS A 86 5.40 -36.06 -0.22
C HIS A 86 5.76 -36.66 -1.58
N ASP A 87 6.77 -37.52 -1.61
CA ASP A 87 7.28 -38.06 -2.86
C ASP A 87 6.30 -39.05 -3.46
N ARG A 88 5.63 -39.86 -2.62
CA ARG A 88 4.59 -40.73 -3.14
C ARG A 88 3.52 -39.93 -3.84
N LEU A 89 3.04 -38.86 -3.18
CA LEU A 89 2.01 -38.03 -3.77
C LEU A 89 2.50 -37.37 -5.04
N ARG A 90 3.70 -36.78 -5.00
CA ARG A 90 4.18 -36.06 -6.16
C ARG A 90 4.38 -37.00 -7.34
N GLY A 91 4.90 -38.19 -7.10
CA GLY A 91 5.08 -39.15 -8.17
C GLY A 91 3.79 -39.49 -8.87
N LEU A 92 2.71 -39.68 -8.10
CA LEU A 92 1.43 -40.01 -8.70
C LEU A 92 0.87 -38.83 -9.48
N ILE A 93 1.01 -37.61 -8.94
CA ILE A 93 0.49 -36.45 -9.64
C ILE A 93 1.28 -36.19 -10.93
N GLN A 94 2.61 -36.33 -10.86
CA GLN A 94 3.43 -36.15 -12.06
C GLN A 94 3.09 -37.21 -13.10
N HIS A 95 2.79 -38.43 -12.67
CA HIS A 95 2.33 -39.45 -13.59
C HIS A 95 1.05 -39.00 -14.30
N ALA A 96 0.09 -38.44 -13.55
CA ALA A 96 -1.14 -37.95 -14.15
C ALA A 96 -0.86 -36.82 -15.14
N PHE A 97 0.08 -35.94 -14.80
CA PHE A 97 0.46 -34.86 -15.72
C PHE A 97 0.98 -35.42 -17.03
N MET A 98 1.83 -36.44 -16.95
CA MET A 98 2.39 -37.07 -18.13
C MET A 98 1.30 -37.68 -19.00
N LYS A 99 0.34 -38.36 -18.38
CA LYS A 99 -0.69 -39.03 -19.16
C LYS A 99 -1.56 -38.02 -19.89
N ARG A 100 -1.82 -36.87 -19.27
CA ARG A 100 -2.68 -35.89 -19.93
C ARG A 100 -1.95 -35.19 -21.06
N ASN A 101 -0.66 -34.95 -20.87
CA ASN A 101 0.20 -34.20 -21.79
C ASN A 101 -0.08 -32.72 -21.62
N LEU A 102 0.65 -32.09 -20.71
CA LEU A 102 0.38 -30.69 -20.35
C LEU A 102 0.52 -29.76 -21.55
N MET A 103 1.47 -30.03 -22.42
CA MET A 103 1.68 -29.12 -23.54
C MET A 103 0.57 -29.18 -24.57
N ALA A 104 -0.30 -30.18 -24.48
CA ALA A 104 -1.52 -30.21 -25.30
C ALA A 104 -2.60 -29.27 -24.79
N LEU A 105 -2.31 -28.52 -23.72
CA LEU A 105 -3.19 -27.43 -23.31
C LEU A 105 -3.01 -26.18 -24.17
N GLU A 106 -2.16 -26.24 -25.20
CA GLU A 106 -1.93 -25.07 -26.06
C GLU A 106 -3.24 -24.47 -26.56
N GLU A 107 -4.13 -25.31 -27.08
CA GLU A 107 -5.33 -24.76 -27.70
C GLU A 107 -6.30 -24.18 -26.66
N PRO A 108 -6.68 -24.90 -25.61
CA PRO A 108 -7.60 -24.29 -24.63
C PRO A 108 -7.01 -23.06 -23.98
N ILE A 109 -5.70 -23.02 -23.73
CA ILE A 109 -5.13 -21.83 -23.13
C ILE A 109 -5.14 -20.67 -24.11
N ARG A 110 -4.80 -20.92 -25.38
CA ARG A 110 -4.81 -19.82 -26.33
C ARG A 110 -6.23 -19.34 -26.59
N ASP A 111 -7.20 -20.26 -26.60
CA ASP A 111 -8.60 -19.86 -26.71
C ASP A 111 -8.99 -18.92 -25.57
N VAL A 112 -8.62 -19.27 -24.34
CA VAL A 112 -8.92 -18.42 -23.19
C VAL A 112 -8.24 -17.07 -23.35
N ALA A 113 -6.97 -17.07 -23.77
CA ALA A 113 -6.24 -15.81 -23.90
C ALA A 113 -6.89 -14.90 -24.93
N LYS A 114 -7.28 -15.45 -26.08
CA LYS A 114 -7.93 -14.62 -27.10
C LYS A 114 -9.22 -14.02 -26.55
N GLN A 115 -10.03 -14.84 -25.86
CA GLN A 115 -11.31 -14.37 -25.34
C GLN A 115 -11.10 -13.31 -24.27
N VAL A 116 -10.15 -13.54 -23.36
CA VAL A 116 -9.97 -12.61 -22.25
C VAL A 116 -9.39 -11.30 -22.75
N PHE A 117 -8.32 -11.37 -23.53
CA PHE A 117 -7.62 -10.13 -23.87
C PHE A 117 -8.32 -9.33 -24.96
N ALA A 118 -9.27 -9.92 -25.68
CA ALA A 118 -10.11 -9.14 -26.59
C ALA A 118 -10.83 -8.03 -25.85
N GLN A 119 -11.05 -8.18 -24.54
CA GLN A 119 -11.81 -7.20 -23.78
C GLN A 119 -11.07 -5.88 -23.60
N VAL A 120 -9.77 -5.81 -23.88
CA VAL A 120 -9.05 -4.54 -23.78
C VAL A 120 -8.66 -3.99 -25.14
N LYS A 121 -9.22 -4.53 -26.21
CA LYS A 121 -8.92 -4.01 -27.53
C LYS A 121 -9.43 -2.57 -27.66
N GLY A 122 -8.54 -1.66 -28.03
CA GLY A 122 -8.90 -0.28 -28.25
C GLY A 122 -9.18 0.53 -26.99
N VAL A 123 -8.98 -0.02 -25.81
CA VAL A 123 -9.28 0.68 -24.57
C VAL A 123 -8.11 1.60 -24.22
N LYS A 124 -8.44 2.83 -23.83
CA LYS A 124 -7.42 3.82 -23.48
C LYS A 124 -6.64 3.39 -22.23
N GLU A 125 -7.32 2.89 -21.22
CA GLU A 125 -6.74 2.60 -19.91
C GLU A 125 -7.47 1.40 -19.35
N PHE A 126 -6.74 0.53 -18.65
CA PHE A 126 -7.36 -0.62 -18.01
C PHE A 126 -6.46 -1.15 -16.91
N ASP A 127 -7.07 -1.91 -16.02
CA ASP A 127 -6.37 -2.57 -14.91
C ASP A 127 -6.07 -4.00 -15.33
N PHE A 128 -4.78 -4.33 -15.45
CA PHE A 128 -4.38 -5.66 -15.87
C PHE A 128 -4.85 -6.73 -14.87
N LYS A 129 -5.16 -6.35 -13.65
CA LYS A 129 -5.63 -7.34 -12.69
C LYS A 129 -6.86 -8.07 -13.19
N ASP A 130 -7.76 -7.35 -13.86
CA ASP A 130 -9.00 -7.98 -14.29
C ASP A 130 -8.72 -9.08 -15.31
N VAL A 131 -8.04 -8.74 -16.40
CA VAL A 131 -7.79 -9.74 -17.42
C VAL A 131 -6.89 -10.85 -16.88
N SER A 132 -5.91 -10.51 -16.05
CA SER A 132 -4.96 -11.55 -15.64
C SER A 132 -5.61 -12.54 -14.68
N SER A 133 -6.50 -12.07 -13.79
CA SER A 133 -7.22 -12.97 -12.90
C SER A 133 -8.18 -13.85 -13.68
N GLN A 134 -8.91 -13.27 -14.62
CA GLN A 134 -9.81 -14.06 -15.47
C GLN A 134 -9.03 -15.15 -16.18
N PHE A 135 -7.92 -14.77 -16.83
CA PHE A 135 -7.11 -15.74 -17.56
C PHE A 135 -6.62 -16.83 -16.63
N THR A 136 -6.07 -16.44 -15.48
CA THR A 136 -5.47 -17.41 -14.56
C THR A 136 -6.48 -18.48 -14.13
N VAL A 137 -7.66 -18.04 -13.68
CA VAL A 137 -8.63 -19.02 -13.19
C VAL A 137 -9.13 -19.88 -14.34
N LYS A 138 -9.34 -19.29 -15.51
CA LYS A 138 -9.79 -20.07 -16.65
C LYS A 138 -8.76 -21.13 -17.02
N VAL A 139 -7.47 -20.79 -16.94
CA VAL A 139 -6.42 -21.76 -17.28
C VAL A 139 -6.47 -22.94 -16.30
N LEU A 140 -6.60 -22.64 -15.01
CA LEU A 140 -6.66 -23.72 -14.03
C LEU A 140 -7.90 -24.58 -14.23
N MET A 141 -9.03 -23.95 -14.57
CA MET A 141 -10.27 -24.70 -14.81
C MET A 141 -10.09 -25.60 -16.02
N ALA A 142 -9.55 -25.05 -17.11
CA ALA A 142 -9.38 -25.84 -18.33
C ALA A 142 -8.41 -26.99 -18.12
N ALA A 143 -7.33 -26.77 -17.37
CA ALA A 143 -6.36 -27.82 -17.11
C ALA A 143 -6.96 -28.91 -16.24
N LEU A 144 -7.60 -28.54 -15.13
CA LEU A 144 -8.13 -29.55 -14.23
C LEU A 144 -9.33 -30.26 -14.80
N GLY A 145 -10.12 -29.59 -15.62
CA GLY A 145 -11.37 -30.11 -16.09
C GLY A 145 -12.58 -29.63 -15.31
N LEU A 146 -12.49 -28.46 -14.69
CA LEU A 146 -13.66 -27.87 -14.05
C LEU A 146 -14.54 -27.23 -15.13
N PRO A 147 -15.83 -27.57 -15.19
CA PRO A 147 -16.65 -27.15 -16.33
C PRO A 147 -16.73 -25.64 -16.47
N MET A 148 -16.50 -25.16 -17.69
CA MET A 148 -16.38 -23.74 -17.93
C MET A 148 -17.59 -23.21 -18.70
N GLY A 149 -17.71 -21.90 -18.71
CA GLY A 149 -18.85 -21.23 -19.30
C GLY A 149 -19.86 -20.80 -18.24
N GLU A 150 -20.55 -19.68 -18.52
CA GLU A 150 -21.60 -19.24 -17.63
C GLU A 150 -22.83 -20.15 -17.70
N ASP A 151 -22.92 -21.01 -18.72
CA ASP A 151 -23.99 -21.98 -18.82
C ASP A 151 -23.73 -23.24 -18.01
N ALA A 152 -22.48 -23.48 -17.61
CA ALA A 152 -22.16 -24.60 -16.74
C ALA A 152 -23.13 -24.64 -15.56
N LEU A 153 -23.30 -25.83 -14.99
CA LEU A 153 -24.17 -25.98 -13.83
C LEU A 153 -23.83 -24.96 -12.76
N VAL A 154 -22.57 -24.95 -12.33
CA VAL A 154 -22.03 -23.89 -11.48
C VAL A 154 -21.36 -22.88 -12.40
N PRO A 155 -21.88 -21.66 -12.54
CA PRO A 155 -21.34 -20.74 -13.53
C PRO A 155 -19.89 -20.40 -13.25
N GLU A 156 -19.15 -20.12 -14.33
CA GLU A 156 -17.72 -19.91 -14.23
C GLU A 156 -17.38 -18.76 -13.28
N HIS A 157 -18.11 -17.65 -13.37
CA HIS A 157 -17.74 -16.49 -12.57
C HIS A 157 -17.86 -16.79 -11.09
N GLU A 158 -18.74 -17.72 -10.70
CA GLU A 158 -18.84 -18.11 -9.30
C GLU A 158 -17.61 -18.89 -8.87
N VAL A 159 -17.09 -19.76 -9.74
CA VAL A 159 -15.86 -20.46 -9.42
C VAL A 159 -14.71 -19.45 -9.28
N ARG A 160 -14.63 -18.51 -10.22
CA ARG A 160 -13.57 -17.50 -10.18
C ARG A 160 -13.63 -16.69 -8.89
N GLU A 161 -14.84 -16.25 -8.53
CA GLU A 161 -14.98 -15.44 -7.32
C GLU A 161 -14.47 -16.18 -6.09
N ASN A 162 -14.82 -17.46 -5.97
CA ASN A 162 -14.36 -18.22 -4.81
C ASN A 162 -12.89 -18.59 -4.91
N ALA A 163 -12.38 -18.85 -6.12
CA ALA A 163 -10.96 -19.12 -6.25
C ALA A 163 -10.14 -17.89 -5.88
N VAL A 164 -10.57 -16.72 -6.35
CA VAL A 164 -9.84 -15.48 -6.09
C VAL A 164 -9.88 -15.13 -4.60
N LEU A 165 -11.00 -15.41 -3.93
CA LEU A 165 -11.12 -15.05 -2.52
C LEU A 165 -10.37 -16.03 -1.62
N MET A 166 -10.39 -17.32 -1.95
CA MET A 166 -9.83 -18.32 -1.05
C MET A 166 -8.31 -18.20 -0.93
N VAL A 167 -7.65 -17.57 -1.90
CA VAL A 167 -6.20 -17.39 -1.81
C VAL A 167 -5.82 -16.11 -1.08
N GLN A 168 -6.80 -15.23 -0.82
CA GLN A 168 -6.53 -13.99 -0.14
C GLN A 168 -6.42 -14.22 1.36
N SER A 169 -5.88 -13.23 2.04
CA SER A 169 -5.80 -13.23 3.49
C SER A 169 -6.23 -11.86 4.00
N ASP A 170 -6.49 -11.79 5.30
CA ASP A 170 -6.80 -10.52 5.94
C ASP A 170 -5.61 -9.57 5.78
N ALA A 171 -5.89 -8.35 5.33
CA ALA A 171 -4.82 -7.39 5.08
C ALA A 171 -4.06 -7.07 6.36
N ARG A 172 -4.77 -7.02 7.49
CA ARG A 172 -4.16 -6.58 8.74
C ARG A 172 -3.22 -7.65 9.30
N THR A 173 -3.72 -8.87 9.47
CA THR A 173 -2.98 -9.93 10.13
C THR A 173 -2.26 -10.84 9.14
N ARG A 174 -2.59 -10.76 7.85
CA ARG A 174 -2.03 -11.61 6.79
C ARG A 174 -2.44 -13.06 6.97
N ALA A 175 -3.37 -13.34 7.88
CA ALA A 175 -3.94 -14.66 8.09
C ALA A 175 -5.31 -14.77 7.44
N LYS A 176 -5.78 -16.00 7.28
CA LYS A 176 -7.10 -16.22 6.69
C LYS A 176 -8.20 -15.83 7.67
N GLY A 177 -9.29 -15.29 7.12
CA GLY A 177 -10.48 -15.01 7.90
C GLY A 177 -11.61 -15.94 7.50
N PRO A 178 -12.77 -15.77 8.15
CA PRO A 178 -13.87 -16.71 7.89
C PRO A 178 -14.29 -16.79 6.45
N GLU A 179 -14.31 -15.65 5.74
CA GLU A 179 -14.75 -15.66 4.34
C GLU A 179 -13.77 -16.41 3.45
N HIS A 180 -12.47 -16.37 3.79
CA HIS A 180 -11.47 -17.09 3.02
C HIS A 180 -11.57 -18.59 3.25
N ILE A 181 -11.81 -19.00 4.49
CA ILE A 181 -12.01 -20.42 4.79
C ILE A 181 -13.32 -20.90 4.18
N ALA A 182 -14.37 -20.06 4.20
CA ALA A 182 -15.62 -20.45 3.55
C ALA A 182 -15.43 -20.66 2.06
N ALA A 183 -14.63 -19.79 1.41
CA ALA A 183 -14.38 -19.96 -0.02
C ALA A 183 -13.63 -21.26 -0.28
N TYR A 184 -12.66 -21.59 0.57
CA TYR A 184 -11.95 -22.85 0.45
C TYR A 184 -12.91 -24.03 0.57
N ASN A 185 -13.79 -23.99 1.57
CA ASN A 185 -14.73 -25.08 1.74
C ASN A 185 -15.75 -25.15 0.61
N TRP A 186 -16.17 -24.00 0.08
CA TRP A 186 -17.01 -24.00 -1.12
C TRP A 186 -16.29 -24.70 -2.27
N MET A 187 -15.01 -24.40 -2.44
CA MET A 187 -14.26 -24.98 -3.55
C MET A 187 -14.05 -26.47 -3.34
N GLN A 188 -13.82 -26.91 -2.09
CA GLN A 188 -13.70 -28.34 -1.83
C GLN A 188 -14.99 -29.07 -2.21
N ASP A 189 -16.14 -28.50 -1.85
CA ASP A 189 -17.41 -29.13 -2.19
C ASP A 189 -17.63 -29.15 -3.70
N TYR A 190 -17.30 -28.04 -4.36
CA TYR A 190 -17.45 -27.97 -5.80
C TYR A 190 -16.54 -28.99 -6.49
N ALA A 191 -15.28 -29.03 -6.08
CA ALA A 191 -14.34 -29.96 -6.70
C ALA A 191 -14.78 -31.41 -6.48
N SER A 192 -15.34 -31.71 -5.30
CA SER A 192 -15.77 -33.06 -5.00
C SER A 192 -16.83 -33.53 -5.99
N LYS A 193 -17.76 -32.64 -6.34
CA LYS A 193 -18.78 -32.99 -7.31
C LYS A 193 -18.19 -33.25 -8.69
N VAL A 194 -17.17 -32.48 -9.09
CA VAL A 194 -16.57 -32.71 -10.38
C VAL A 194 -15.80 -34.02 -10.38
N ILE A 195 -15.08 -34.30 -9.29
CA ILE A 195 -14.30 -35.53 -9.19
C ILE A 195 -15.21 -36.74 -9.30
N ALA A 196 -16.36 -36.70 -8.62
CA ALA A 196 -17.29 -37.83 -8.73
C ALA A 196 -17.74 -38.02 -10.16
N MET A 197 -18.04 -36.91 -10.85
CA MET A 197 -18.50 -36.99 -12.22
C MET A 197 -17.42 -37.59 -13.14
N ARG A 198 -16.16 -37.24 -12.89
CA ARG A 198 -15.06 -37.75 -13.70
C ARG A 198 -14.75 -39.20 -13.36
N ARG A 199 -14.98 -39.62 -12.12
CA ARG A 199 -14.85 -41.04 -11.80
C ARG A 199 -15.87 -41.87 -12.57
N ALA A 200 -17.09 -41.35 -12.71
CA ALA A 200 -18.12 -42.08 -13.45
C ALA A 200 -17.83 -42.10 -14.94
N SER A 201 -17.36 -40.98 -15.49
CA SER A 201 -17.05 -40.87 -16.92
C SER A 201 -15.77 -40.09 -17.08
N PRO A 202 -14.62 -40.76 -17.10
CA PRO A 202 -13.35 -40.04 -17.26
C PRO A 202 -13.32 -39.22 -18.54
N GLN A 203 -12.62 -38.09 -18.47
CA GLN A 203 -12.47 -37.17 -19.59
C GLN A 203 -11.00 -36.86 -19.79
N ASN A 204 -10.71 -36.06 -20.82
CA ASN A 204 -9.35 -35.66 -21.16
C ASN A 204 -8.97 -34.41 -20.37
N ASP A 205 -8.86 -34.59 -19.06
CA ASP A 205 -8.49 -33.50 -18.15
C ASP A 205 -7.65 -34.06 -17.01
N LEU A 206 -7.15 -33.16 -16.16
CA LEU A 206 -6.23 -33.60 -15.10
C LEU A 206 -6.98 -34.34 -13.99
N ILE A 207 -8.17 -33.89 -13.62
CA ILE A 207 -8.90 -34.56 -12.54
C ILE A 207 -9.10 -36.03 -12.88
N SER A 208 -9.53 -36.31 -14.12
CA SER A 208 -9.73 -37.69 -14.54
C SER A 208 -8.43 -38.49 -14.44
N ASN A 209 -7.31 -37.87 -14.80
CA ASN A 209 -6.04 -38.59 -14.76
C ASN A 209 -5.57 -38.77 -13.33
N PHE A 210 -5.95 -37.88 -12.41
CA PHE A 210 -5.63 -38.11 -11.00
C PHE A 210 -6.31 -39.38 -10.49
N ALA A 211 -7.56 -39.60 -10.87
CA ALA A 211 -8.28 -40.77 -10.38
C ALA A 211 -7.76 -42.05 -11.02
N LEU A 212 -7.20 -41.94 -12.22
CA LEU A 212 -6.75 -43.12 -12.97
C LEU A 212 -5.28 -43.45 -12.76
N ALA A 213 -4.49 -42.51 -12.25
CA ALA A 213 -3.05 -42.72 -12.16
C ALA A 213 -2.74 -43.87 -11.19
N GLU A 214 -1.88 -44.80 -11.64
CA GLU A 214 -1.41 -45.88 -10.79
C GLU A 214 0.04 -46.20 -11.12
N ILE A 215 0.83 -46.46 -10.08
CA ILE A 215 2.22 -46.86 -10.22
C ILE A 215 2.41 -48.11 -9.37
N ASP A 216 2.41 -49.28 -10.00
CA ASP A 216 2.64 -50.55 -9.31
C ASP A 216 1.63 -50.76 -8.19
N GLY A 217 0.35 -50.62 -8.53
CA GLY A 217 -0.73 -50.85 -7.58
C GLY A 217 -1.04 -49.69 -6.67
N ASP A 218 -0.22 -48.65 -6.63
CA ASP A 218 -0.49 -47.49 -5.80
C ASP A 218 -1.39 -46.50 -6.52
N ARG A 219 -2.23 -45.83 -5.73
CA ARG A 219 -3.16 -44.84 -6.26
C ARG A 219 -3.39 -43.79 -5.19
N LEU A 220 -3.91 -42.63 -5.61
CA LEU A 220 -4.27 -41.58 -4.67
C LEU A 220 -5.60 -41.93 -4.00
N ASP A 221 -5.64 -41.86 -2.67
CA ASP A 221 -6.88 -42.21 -1.97
C ASP A 221 -7.85 -41.02 -2.01
N ASP A 222 -9.08 -41.28 -1.53
CA ASP A 222 -10.16 -40.30 -1.70
C ASP A 222 -9.76 -38.92 -1.16
N ARG A 223 -9.12 -38.87 0.00
CA ARG A 223 -8.66 -37.59 0.51
C ARG A 223 -7.65 -36.96 -0.44
N GLU A 224 -6.95 -37.78 -1.22
CA GLU A 224 -5.79 -37.32 -1.97
C GLU A 224 -6.14 -36.74 -3.34
N VAL A 225 -7.09 -37.33 -4.06
CA VAL A 225 -7.51 -36.74 -5.32
C VAL A 225 -8.15 -35.38 -5.07
N LEU A 226 -8.97 -35.28 -4.03
CA LEU A 226 -9.62 -34.02 -3.70
C LEU A 226 -8.61 -32.97 -3.29
N LEU A 227 -7.73 -33.31 -2.34
CA LEU A 227 -6.78 -32.31 -1.86
C LEU A 227 -5.78 -31.94 -2.94
N THR A 228 -5.45 -32.86 -3.85
CA THR A 228 -4.60 -32.52 -4.97
C THR A 228 -5.26 -31.49 -5.88
N THR A 229 -6.54 -31.73 -6.20
CA THR A 229 -7.26 -30.79 -7.05
C THR A 229 -7.33 -29.41 -6.41
N THR A 230 -7.70 -29.34 -5.14
CA THR A 230 -7.90 -28.05 -4.48
C THR A 230 -6.57 -27.35 -4.22
N THR A 231 -5.52 -28.07 -3.86
CA THR A 231 -4.28 -27.35 -3.62
C THR A 231 -3.62 -26.90 -4.92
N LEU A 232 -3.90 -27.57 -6.05
CA LEU A 232 -3.42 -27.05 -7.33
C LEU A 232 -4.18 -25.78 -7.72
N ILE A 233 -5.48 -25.73 -7.46
CA ILE A 233 -6.21 -24.48 -7.70
C ILE A 233 -5.62 -23.37 -6.86
N MET A 234 -5.45 -23.65 -5.57
CA MET A 234 -4.93 -22.65 -4.64
C MET A 234 -3.55 -22.18 -5.08
N ALA A 235 -2.64 -23.11 -5.30
CA ALA A 235 -1.28 -22.74 -5.68
C ALA A 235 -1.25 -22.01 -7.01
N GLY A 236 -2.01 -22.48 -7.99
CA GLY A 236 -1.97 -21.84 -9.29
C GLY A 236 -2.54 -20.44 -9.28
N VAL A 237 -3.70 -20.26 -8.64
CA VAL A 237 -4.33 -18.93 -8.66
C VAL A 237 -3.43 -17.91 -7.97
N GLU A 238 -2.89 -18.26 -6.80
CA GLU A 238 -2.09 -17.27 -6.08
C GLU A 238 -0.80 -16.94 -6.82
N SER A 239 -0.11 -17.94 -7.34
CA SER A 239 1.21 -17.70 -7.90
C SER A 239 1.14 -17.20 -9.35
N LEU A 240 0.35 -17.88 -10.18
CA LEU A 240 0.30 -17.50 -11.59
C LEU A 240 -0.36 -16.14 -11.77
N GLY A 241 -1.44 -15.86 -11.04
CA GLY A 241 -2.06 -14.56 -11.16
C GLY A 241 -1.12 -13.44 -10.76
N GLY A 242 -0.38 -13.64 -9.67
CA GLY A 242 0.56 -12.62 -9.24
C GLY A 242 1.68 -12.44 -10.24
N PHE A 243 2.15 -13.54 -10.81
CA PHE A 243 3.28 -13.43 -11.71
C PHE A 243 2.86 -12.81 -13.05
N MET A 244 1.66 -13.14 -13.55
CA MET A 244 1.12 -12.45 -14.72
C MET A 244 1.23 -10.95 -14.52
N MET A 245 0.86 -10.47 -13.34
CA MET A 245 0.94 -9.05 -13.04
C MET A 245 2.38 -8.56 -13.01
N MET A 246 3.31 -9.37 -12.42
CA MET A 246 4.70 -8.93 -12.37
C MET A 246 5.30 -8.82 -13.77
N PHE A 247 4.97 -9.77 -14.66
CA PHE A 247 5.54 -9.72 -16.00
C PHE A 247 5.05 -8.50 -16.77
N ALA A 248 3.74 -8.22 -16.70
CA ALA A 248 3.23 -7.02 -17.35
C ALA A 248 3.81 -5.76 -16.74
N TYR A 249 4.00 -5.77 -15.41
CA TYR A 249 4.61 -4.62 -14.75
C TYR A 249 6.00 -4.36 -15.28
N ASN A 250 6.78 -5.42 -15.44
CA ASN A 250 8.13 -5.26 -15.98
C ASN A 250 8.10 -4.75 -17.41
N LEU A 251 7.28 -5.36 -18.27
CA LEU A 251 7.25 -4.91 -19.66
C LEU A 251 6.72 -3.50 -19.79
N ALA A 252 5.75 -3.12 -18.95
CA ALA A 252 5.26 -1.74 -18.97
C ALA A 252 6.36 -0.78 -18.55
N THR A 253 7.21 -1.20 -17.61
CA THR A 253 8.25 -0.32 -17.07
C THR A 253 9.44 -0.18 -18.00
N PHE A 254 9.85 -1.25 -18.65
CA PHE A 254 11.10 -1.31 -19.43
C PHE A 254 10.74 -1.32 -20.91
N ASP A 255 10.77 -0.14 -21.53
CA ASP A 255 10.29 0.02 -22.90
C ASP A 255 11.03 -0.89 -23.87
N GLU A 256 12.36 -0.94 -23.75
CA GLU A 256 13.14 -1.71 -24.73
C GLU A 256 12.78 -3.19 -24.69
N ALA A 257 12.58 -3.74 -23.49
CA ALA A 257 12.18 -5.13 -23.36
C ALA A 257 10.82 -5.37 -23.99
N ARG A 258 9.86 -4.48 -23.70
CA ARG A 258 8.53 -4.64 -24.25
C ARG A 258 8.56 -4.59 -25.77
N ARG A 259 9.21 -3.56 -26.33
CA ARG A 259 9.29 -3.46 -27.77
C ARG A 259 9.92 -4.71 -28.38
N ALA A 260 10.93 -5.27 -27.71
CA ALA A 260 11.64 -6.41 -28.26
C ALA A 260 10.74 -7.65 -28.34
N VAL A 261 9.99 -7.93 -27.27
CA VAL A 261 9.19 -9.15 -27.28
C VAL A 261 7.94 -8.99 -28.12
N VAL A 262 7.45 -7.76 -28.29
CA VAL A 262 6.31 -7.54 -29.17
C VAL A 262 6.72 -7.75 -30.62
N ALA A 263 7.91 -7.25 -30.99
CA ALA A 263 8.40 -7.41 -32.35
C ALA A 263 8.81 -8.85 -32.64
N ASN A 264 9.35 -9.54 -31.64
CA ASN A 264 9.79 -10.93 -31.76
C ASN A 264 9.25 -11.74 -30.60
N PRO A 265 8.03 -12.26 -30.73
CA PRO A 265 7.42 -12.99 -29.59
C PRO A 265 8.18 -14.25 -29.22
N ALA A 266 9.11 -14.72 -30.07
CA ALA A 266 9.94 -15.85 -29.68
C ALA A 266 10.86 -15.52 -28.53
N LEU A 267 11.01 -14.24 -28.19
CA LEU A 267 11.78 -13.84 -27.02
C LEU A 267 11.00 -13.93 -25.73
N LEU A 268 9.70 -14.23 -25.79
CA LEU A 268 8.92 -14.22 -24.55
C LEU A 268 9.42 -15.23 -23.54
N PRO A 269 9.73 -16.48 -23.89
CA PRO A 269 10.20 -17.41 -22.85
C PRO A 269 11.41 -16.89 -22.09
N ASP A 270 12.40 -16.33 -22.78
CA ASP A 270 13.56 -15.77 -22.08
C ASP A 270 13.18 -14.60 -21.18
N ALA A 271 12.29 -13.72 -21.66
CA ALA A 271 11.87 -12.59 -20.85
C ALA A 271 11.12 -13.06 -19.61
N ILE A 272 10.30 -14.10 -19.76
CA ILE A 272 9.57 -14.66 -18.62
C ILE A 272 10.55 -15.17 -17.57
N GLU A 273 11.62 -15.85 -18.00
CA GLU A 273 12.61 -16.36 -17.04
C GLU A 273 13.31 -15.21 -16.33
N GLU A 274 13.63 -14.13 -17.06
CA GLU A 274 14.24 -12.98 -16.39
C GLU A 274 13.27 -12.32 -15.42
N SER A 275 11.95 -12.33 -15.71
CA SER A 275 11.01 -11.78 -14.73
C SER A 275 10.87 -12.70 -13.51
N LEU A 276 10.94 -14.01 -13.71
CA LEU A 276 10.93 -14.93 -12.57
C LEU A 276 12.14 -14.69 -11.67
N ARG A 277 13.30 -14.38 -12.28
CA ARG A 277 14.47 -14.09 -11.48
C ARG A 277 14.35 -12.70 -10.86
N PHE A 278 14.02 -11.69 -11.67
CA PHE A 278 14.02 -10.33 -11.18
C PHE A 278 13.00 -10.14 -10.07
N ASN A 279 11.81 -10.71 -10.23
CA ASN A 279 10.74 -10.54 -9.25
C ASN A 279 9.67 -11.61 -9.38
N THR A 280 9.95 -12.81 -8.91
CA THR A 280 8.89 -13.80 -8.84
C THR A 280 7.74 -13.27 -7.98
N SER A 281 6.52 -13.77 -8.24
CA SER A 281 5.43 -13.51 -7.32
C SER A 281 5.57 -14.30 -6.03
N ALA A 282 6.33 -15.39 -6.04
CA ALA A 282 6.40 -16.34 -4.93
C ALA A 282 7.69 -16.06 -4.17
N GLN A 283 7.65 -14.99 -3.36
CA GLN A 283 8.85 -14.35 -2.85
C GLN A 283 9.48 -15.08 -1.65
N ARG A 284 8.67 -15.55 -0.71
CA ARG A 284 9.17 -15.98 0.60
C ARG A 284 8.37 -17.17 1.10
N PHE A 285 9.04 -18.27 1.44
CA PHE A 285 8.38 -19.44 1.99
C PHE A 285 9.09 -19.87 3.26
N ARG A 286 8.41 -20.67 4.06
CA ARG A 286 8.99 -21.03 5.35
C ARG A 286 9.28 -22.51 5.46
N ARG A 287 10.17 -22.80 6.41
CA ARG A 287 10.58 -24.14 6.79
C ARG A 287 10.71 -24.18 8.30
N ARG A 288 10.76 -25.38 8.85
CA ARG A 288 10.98 -25.54 10.29
C ARG A 288 12.23 -26.37 10.51
N LEU A 289 13.08 -25.93 11.43
CA LEU A 289 14.31 -26.64 11.70
C LEU A 289 14.06 -27.95 12.45
N MET A 290 14.63 -29.03 11.94
CA MET A 290 14.54 -30.34 12.57
C MET A 290 15.70 -30.63 13.51
N LYS A 291 16.73 -29.78 13.49
CA LYS A 291 17.88 -29.90 14.38
C LYS A 291 18.51 -28.51 14.47
N ASP A 292 19.41 -28.35 15.45
CA ASP A 292 20.15 -27.11 15.57
C ASP A 292 21.05 -26.93 14.35
N VAL A 293 21.17 -25.70 13.90
CA VAL A 293 22.02 -25.36 12.76
C VAL A 293 22.74 -24.06 13.09
N THR A 294 24.07 -24.06 12.99
CA THR A 294 24.84 -22.83 13.10
C THR A 294 25.19 -22.33 11.69
N LEU A 295 24.82 -21.09 11.41
CA LEU A 295 25.02 -20.50 10.09
C LEU A 295 25.43 -19.05 10.26
N HIS A 296 26.57 -18.69 9.68
CA HIS A 296 27.07 -17.32 9.74
C HIS A 296 27.13 -16.81 11.19
N GLY A 297 27.60 -17.68 12.08
CA GLY A 297 27.76 -17.32 13.47
C GLY A 297 26.51 -17.38 14.31
N GLN A 298 25.35 -17.57 13.70
CA GLN A 298 24.07 -17.59 14.41
C GLN A 298 23.70 -19.02 14.74
N THR A 299 23.15 -19.23 15.92
CA THR A 299 22.83 -20.56 16.40
C THR A 299 21.31 -20.73 16.33
N MET A 300 20.84 -21.16 15.15
CA MET A 300 19.45 -21.50 14.97
C MET A 300 19.16 -22.81 15.70
N LYS A 301 17.95 -22.93 16.24
CA LYS A 301 17.62 -24.06 17.10
C LYS A 301 16.49 -24.91 16.54
N GLU A 302 16.56 -26.21 16.84
CA GLU A 302 15.48 -27.12 16.49
C GLU A 302 14.13 -26.55 16.87
N GLY A 303 13.18 -26.61 15.94
CA GLY A 303 11.86 -26.06 16.16
C GLY A 303 11.68 -24.62 15.76
N ASP A 304 12.78 -23.89 15.57
CA ASP A 304 12.67 -22.55 15.03
C ASP A 304 12.20 -22.62 13.58
N PHE A 305 11.53 -21.56 13.14
CA PHE A 305 11.16 -21.43 11.74
C PHE A 305 12.17 -20.58 10.99
N VAL A 306 12.23 -20.80 9.68
CA VAL A 306 13.17 -20.13 8.80
C VAL A 306 12.45 -19.72 7.53
N CYS A 307 12.75 -18.52 7.05
CA CYS A 307 12.22 -18.00 5.79
C CYS A 307 13.25 -18.19 4.68
N LEU A 308 12.85 -18.87 3.63
CA LEU A 308 13.65 -18.94 2.41
C LEU A 308 13.18 -17.84 1.48
N ALA A 309 13.95 -16.75 1.40
CA ALA A 309 13.54 -15.58 0.63
C ALA A 309 14.04 -15.74 -0.80
N TYR A 310 13.29 -16.56 -1.57
CA TYR A 310 13.63 -16.77 -2.96
C TYR A 310 13.83 -15.46 -3.72
N GLY A 311 12.97 -14.47 -3.45
CA GLY A 311 13.09 -13.19 -4.12
C GLY A 311 14.39 -12.45 -3.81
N SER A 312 15.01 -12.76 -2.67
CA SER A 312 16.32 -12.20 -2.33
C SER A 312 17.44 -12.97 -3.01
N GLY A 313 17.39 -14.30 -2.96
CA GLY A 313 18.45 -15.07 -3.59
C GLY A 313 18.57 -14.74 -5.06
N ASN A 314 17.43 -14.49 -5.72
CA ASN A 314 17.44 -14.17 -7.14
C ASN A 314 18.03 -12.79 -7.45
N ARG A 315 18.21 -11.96 -6.43
CA ARG A 315 18.80 -10.63 -6.59
C ARG A 315 20.21 -10.57 -6.00
N ASP A 316 20.81 -11.74 -5.76
CA ASP A 316 22.13 -11.86 -5.15
C ASP A 316 23.21 -11.75 -6.21
N GLU A 317 24.02 -10.69 -6.14
CA GLU A 317 25.11 -10.50 -7.10
C GLU A 317 26.15 -11.61 -7.02
N ARG A 318 26.18 -12.36 -5.92
CA ARG A 318 27.08 -13.50 -5.83
C ARG A 318 26.74 -14.56 -6.85
N GLN A 319 25.50 -14.60 -7.31
CA GLN A 319 25.05 -15.56 -8.31
C GLN A 319 24.78 -14.92 -9.66
N TYR A 320 24.22 -13.71 -9.68
CA TYR A 320 23.81 -13.04 -10.91
C TYR A 320 24.48 -11.68 -11.00
N PRO A 321 25.41 -11.48 -11.93
CA PRO A 321 26.03 -10.15 -12.05
C PRO A 321 24.99 -9.09 -12.38
N ASN A 322 25.19 -7.88 -11.88
CA ASN A 322 24.27 -6.77 -12.03
C ASN A 322 22.83 -7.23 -11.79
N PRO A 323 22.55 -7.77 -10.59
CA PRO A 323 21.28 -8.45 -10.36
C PRO A 323 20.08 -7.54 -10.41
N ASP A 324 20.25 -6.23 -10.23
CA ASP A 324 19.12 -5.30 -10.25
C ASP A 324 18.84 -4.77 -11.64
N VAL A 325 19.54 -5.30 -12.65
CA VAL A 325 19.28 -4.97 -14.04
C VAL A 325 18.29 -5.99 -14.60
N TYR A 326 17.22 -5.49 -15.24
CA TYR A 326 16.27 -6.35 -15.93
C TYR A 326 16.76 -6.52 -17.35
N ASP A 327 17.29 -7.71 -17.65
CA ASP A 327 17.95 -7.97 -18.93
C ASP A 327 17.35 -9.23 -19.54
N ILE A 328 16.42 -9.06 -20.48
CA ILE A 328 15.73 -10.24 -20.99
C ILE A 328 16.64 -11.13 -21.81
N ALA A 329 17.86 -10.69 -22.13
CA ALA A 329 18.83 -11.55 -22.78
C ALA A 329 19.68 -12.33 -21.79
N ARG A 330 19.41 -12.18 -20.49
CA ARG A 330 20.28 -12.79 -19.49
C ARG A 330 20.23 -14.31 -19.56
N LYS A 331 19.06 -14.88 -19.85
CA LYS A 331 18.86 -16.32 -19.82
C LYS A 331 19.34 -16.90 -18.48
N PRO A 332 18.73 -16.45 -17.38
CA PRO A 332 19.20 -16.91 -16.07
C PRO A 332 18.91 -18.39 -15.88
N ARG A 333 19.90 -19.11 -15.37
CA ARG A 333 19.75 -20.51 -15.04
C ARG A 333 19.80 -20.69 -13.53
N GLY A 334 19.08 -21.68 -13.05
CA GLY A 334 19.08 -21.98 -11.63
C GLY A 334 18.42 -20.94 -10.78
N HIS A 335 17.54 -20.10 -11.35
CA HIS A 335 16.88 -19.12 -10.51
C HIS A 335 15.90 -19.82 -9.58
N LEU A 336 15.49 -19.08 -8.55
CA LEU A 336 14.68 -19.58 -7.45
C LEU A 336 13.23 -19.15 -7.57
N GLY A 337 12.82 -18.63 -8.73
CA GLY A 337 11.46 -18.13 -8.87
C GLY A 337 10.38 -19.18 -8.71
N PHE A 338 10.72 -20.44 -8.95
CA PHE A 338 9.86 -21.60 -8.73
C PHE A 338 10.34 -22.44 -7.55
N GLY A 339 11.21 -21.89 -6.72
CA GLY A 339 11.75 -22.65 -5.61
C GLY A 339 12.89 -23.55 -6.06
N GLY A 340 13.02 -24.68 -5.37
CA GLY A 340 14.06 -25.63 -5.67
C GLY A 340 14.04 -26.80 -4.72
N GLY A 341 14.46 -27.95 -5.20
CA GLY A 341 14.42 -29.14 -4.39
C GLY A 341 13.14 -29.93 -4.62
N VAL A 342 12.79 -30.72 -3.61
CA VAL A 342 11.71 -31.68 -3.83
C VAL A 342 10.37 -30.97 -3.94
N HIS A 343 10.25 -29.71 -3.51
CA HIS A 343 9.02 -28.96 -3.62
C HIS A 343 9.03 -27.95 -4.77
N ALA A 344 10.04 -28.00 -5.65
CA ALA A 344 10.06 -27.06 -6.76
C ALA A 344 8.73 -27.10 -7.49
N CYS A 345 8.30 -25.93 -7.96
CA CYS A 345 6.92 -25.76 -8.41
C CYS A 345 6.45 -26.89 -9.30
N LEU A 346 5.37 -27.55 -8.87
CA LEU A 346 4.77 -28.60 -9.69
C LEU A 346 4.14 -28.02 -10.95
N GLY A 347 3.78 -26.76 -10.93
CA GLY A 347 3.16 -26.11 -12.06
C GLY A 347 4.11 -25.44 -13.01
N THR A 348 5.42 -25.69 -12.91
CA THR A 348 6.41 -24.96 -13.70
C THR A 348 6.08 -24.98 -15.19
N ALA A 349 5.84 -26.17 -15.74
CA ALA A 349 5.63 -26.25 -17.18
C ALA A 349 4.31 -25.60 -17.60
N ILE A 350 3.24 -25.81 -16.82
CA ILE A 350 1.97 -25.14 -17.09
C ILE A 350 2.14 -23.64 -17.06
N ALA A 351 2.82 -23.13 -16.02
CA ALA A 351 2.99 -21.68 -15.88
C ALA A 351 3.79 -21.09 -17.04
N ARG A 352 4.91 -21.73 -17.40
CA ARG A 352 5.70 -21.21 -18.50
C ARG A 352 4.89 -21.15 -19.79
N LEU A 353 4.10 -22.20 -20.06
CA LEU A 353 3.27 -22.23 -21.25
C LEU A 353 2.19 -21.15 -21.19
N ALA A 354 1.50 -21.07 -20.04
CA ALA A 354 0.39 -20.15 -19.92
C ALA A 354 0.83 -18.70 -20.07
N VAL A 355 1.90 -18.29 -19.38
CA VAL A 355 2.33 -16.90 -19.46
C VAL A 355 2.77 -16.59 -20.89
N LYS A 356 3.49 -17.51 -21.53
CA LYS A 356 3.91 -17.30 -22.92
C LYS A 356 2.71 -17.07 -23.83
N ILE A 357 1.73 -17.97 -23.78
CA ILE A 357 0.57 -17.83 -24.66
C ILE A 357 -0.22 -16.57 -24.31
N ALA A 358 -0.38 -16.28 -23.02
CA ALA A 358 -1.13 -15.09 -22.63
C ALA A 358 -0.54 -13.85 -23.26
N PHE A 359 0.78 -13.67 -23.15
CA PHE A 359 1.38 -12.44 -23.63
C PHE A 359 1.55 -12.44 -25.14
N GLU A 360 1.68 -13.62 -25.77
CA GLU A 360 1.58 -13.67 -27.24
C GLU A 360 0.28 -13.00 -27.68
N GLU A 361 -0.84 -13.39 -27.08
CA GLU A 361 -2.15 -12.89 -27.50
C GLU A 361 -2.41 -11.48 -26.99
N PHE A 362 -2.06 -11.19 -25.74
CA PHE A 362 -2.21 -9.83 -25.21
C PHE A 362 -1.51 -8.81 -26.10
N HIS A 363 -0.29 -9.12 -26.54
CA HIS A 363 0.46 -8.14 -27.30
C HIS A 363 -0.05 -7.99 -28.73
N GLN A 364 -0.82 -8.95 -29.24
CA GLN A 364 -1.50 -8.72 -30.52
C GLN A 364 -2.67 -7.76 -30.37
N VAL A 365 -3.26 -7.69 -29.18
CA VAL A 365 -4.36 -6.76 -28.91
C VAL A 365 -3.81 -5.39 -28.54
N VAL A 366 -2.83 -5.35 -27.66
CA VAL A 366 -2.24 -4.12 -27.12
C VAL A 366 -0.72 -4.20 -27.32
N PRO A 367 -0.21 -3.79 -28.48
CA PRO A 367 1.24 -3.95 -28.73
C PRO A 367 2.13 -2.99 -27.98
N ASP A 368 1.58 -1.90 -27.44
CA ASP A 368 2.39 -0.91 -26.73
C ASP A 368 1.58 -0.32 -25.58
N TYR A 369 2.20 -0.26 -24.41
CA TYR A 369 1.51 0.12 -23.19
C TYR A 369 2.55 0.54 -22.16
N ARG A 370 2.13 1.39 -21.22
CA ARG A 370 2.97 1.78 -20.11
C ARG A 370 2.14 1.84 -18.83
N ARG A 371 2.82 1.89 -17.70
CA ARG A 371 2.16 2.16 -16.42
C ARG A 371 1.52 3.53 -16.41
N VAL A 372 0.31 3.60 -15.85
CA VAL A 372 -0.31 4.88 -15.58
C VAL A 372 0.36 5.53 -14.37
N ALA A 373 0.72 4.73 -13.37
CA ALA A 373 1.13 5.23 -12.07
C ALA A 373 2.64 5.17 -11.85
N ASP A 374 3.11 6.14 -11.05
CA ASP A 374 4.44 6.11 -10.44
C ASP A 374 4.42 5.17 -9.26
N GLN A 375 3.68 5.53 -8.22
CA GLN A 375 3.50 4.71 -7.04
C GLN A 375 2.26 3.84 -7.21
N LEU A 376 2.44 2.52 -7.15
CA LEU A 376 1.37 1.53 -7.25
C LEU A 376 1.05 0.99 -5.88
N PRO A 377 -0.18 0.54 -5.66
CA PRO A 377 -0.51 -0.21 -4.44
C PRO A 377 -0.14 -1.67 -4.59
N TRP A 378 0.44 -2.24 -3.52
CA TRP A 378 0.94 -3.62 -3.54
C TRP A 378 0.11 -4.48 -2.61
N MET A 379 -0.06 -5.74 -3.00
CA MET A 379 -0.91 -6.66 -2.27
C MET A 379 -0.31 -6.99 -0.92
N PRO A 380 -1.12 -7.06 0.13
CA PRO A 380 -0.60 -7.46 1.45
C PRO A 380 -0.48 -8.97 1.54
N SER A 381 0.73 -9.47 1.48
CA SER A 381 0.99 -10.89 1.65
C SER A 381 2.38 -11.09 2.24
N SER A 382 2.49 -11.99 3.19
CA SER A 382 3.79 -12.32 3.75
C SER A 382 4.59 -13.27 2.85
N THR A 383 3.94 -13.91 1.89
CA THR A 383 4.54 -14.90 0.99
C THR A 383 4.69 -14.38 -0.43
N PHE A 384 3.63 -13.79 -0.96
CA PHE A 384 3.57 -13.42 -2.36
C PHE A 384 3.70 -11.92 -2.53
N ARG A 385 4.06 -11.50 -3.75
CA ARG A 385 4.16 -10.09 -4.08
C ARG A 385 3.63 -9.83 -5.47
N SER A 386 2.74 -8.86 -5.59
CA SER A 386 2.23 -8.38 -6.87
C SER A 386 1.45 -7.09 -6.61
N PRO A 387 1.29 -6.24 -7.62
CA PRO A 387 0.45 -5.05 -7.42
C PRO A 387 -1.00 -5.40 -7.21
N LEU A 388 -1.67 -4.61 -6.37
CA LEU A 388 -3.11 -4.71 -6.21
C LEU A 388 -3.84 -4.25 -7.46
N VAL A 389 -3.30 -3.22 -8.09
CA VAL A 389 -3.83 -2.55 -9.27
C VAL A 389 -2.64 -2.33 -10.19
N LEU A 390 -2.76 -2.75 -11.44
CA LEU A 390 -1.74 -2.50 -12.45
C LEU A 390 -2.43 -1.77 -13.60
N GLN A 391 -2.58 -0.46 -13.43
CA GLN A 391 -3.26 0.36 -14.41
C GLN A 391 -2.32 0.63 -15.58
N LEU A 392 -2.71 0.17 -16.76
CA LEU A 392 -1.91 0.33 -17.97
C LEU A 392 -2.63 1.28 -18.91
N LYS A 393 -1.86 2.08 -19.64
CA LYS A 393 -2.38 2.94 -20.69
C LYS A 393 -1.84 2.47 -22.04
N ALA A 394 -2.73 2.34 -23.03
CA ALA A 394 -2.29 2.06 -24.37
C ALA A 394 -1.40 3.20 -24.86
N GLN A 395 -0.39 2.86 -25.65
CA GLN A 395 0.57 3.85 -26.12
C GLN A 395 0.73 3.74 -27.64
N SER B 5 -13.70 2.35 -19.15
CA SER B 5 -14.64 3.15 -18.37
C SER B 5 -13.91 3.77 -17.18
N PHE B 6 -13.84 5.10 -17.14
CA PHE B 6 -13.04 5.77 -16.13
C PHE B 6 -13.78 5.82 -14.80
N HIS B 7 -13.07 5.51 -13.73
CA HIS B 7 -13.57 5.63 -12.37
C HIS B 7 -12.62 6.49 -11.56
N PHE B 8 -13.17 7.20 -10.58
CA PHE B 8 -12.37 7.87 -9.56
C PHE B 8 -12.92 7.49 -8.20
N ASP B 9 -12.19 6.65 -7.49
CA ASP B 9 -12.59 6.13 -6.18
C ASP B 9 -11.62 6.66 -5.15
N PRO B 10 -11.98 7.70 -4.39
CA PRO B 10 -11.03 8.22 -3.39
C PRO B 10 -10.80 7.29 -2.22
N TYR B 11 -11.49 6.16 -2.16
CA TYR B 11 -11.29 5.18 -1.10
C TYR B 11 -10.36 4.05 -1.53
N SER B 12 -9.75 4.17 -2.71
CA SER B 12 -8.97 3.08 -3.27
C SER B 12 -7.49 3.29 -2.98
N PRO B 13 -6.76 2.22 -2.67
CA PRO B 13 -5.31 2.37 -2.46
C PRO B 13 -4.56 2.89 -3.67
N ALA B 14 -5.11 2.71 -4.89
CA ALA B 14 -4.44 3.27 -6.07
C ALA B 14 -4.42 4.78 -6.01
N ILE B 15 -5.52 5.39 -5.53
CA ILE B 15 -5.61 6.84 -5.43
C ILE B 15 -4.77 7.35 -4.26
N ASP B 16 -4.68 6.59 -3.17
CA ASP B 16 -3.74 6.94 -2.11
C ASP B 16 -2.34 7.11 -2.67
N ALA B 17 -1.91 6.13 -3.47
CA ALA B 17 -0.51 6.08 -3.87
C ALA B 17 -0.18 7.06 -4.99
N ASP B 18 -1.07 7.21 -5.97
CA ASP B 18 -0.82 8.11 -7.10
C ASP B 18 -2.15 8.63 -7.62
N PRO B 19 -2.66 9.72 -7.03
CA PRO B 19 -3.91 10.29 -7.53
C PRO B 19 -3.73 11.11 -8.79
N PHE B 20 -2.50 11.44 -9.18
CA PHE B 20 -2.29 12.53 -10.12
C PHE B 20 -2.69 12.21 -11.54
N PRO B 21 -2.47 11.02 -12.07
CA PRO B 21 -2.99 10.75 -13.41
C PRO B 21 -4.50 10.83 -13.49
N SER B 22 -5.18 10.31 -12.46
CA SER B 22 -6.63 10.38 -12.42
C SER B 22 -7.10 11.81 -12.29
N TYR B 23 -6.44 12.61 -11.44
CA TYR B 23 -6.77 14.02 -11.36
C TYR B 23 -6.70 14.69 -12.74
N LYS B 24 -5.66 14.35 -13.52
CA LYS B 24 -5.49 14.99 -14.81
C LYS B 24 -6.62 14.60 -15.77
N ARG B 25 -7.02 13.33 -15.75
CA ARG B 25 -8.15 12.93 -16.57
C ARG B 25 -9.44 13.63 -16.12
N LEU B 26 -9.63 13.77 -14.82
CA LEU B 26 -10.76 14.56 -14.34
C LEU B 26 -10.72 15.98 -14.89
N ARG B 27 -9.59 16.67 -14.70
CA ARG B 27 -9.51 18.06 -15.14
C ARG B 27 -9.74 18.18 -16.63
N ASP B 28 -9.15 17.27 -17.41
CA ASP B 28 -9.13 17.43 -18.85
C ASP B 28 -10.41 16.90 -19.49
N GLU B 29 -10.91 15.77 -19.02
CA GLU B 29 -12.00 15.07 -19.68
C GLU B 29 -13.33 15.11 -18.93
N PHE B 30 -13.29 15.15 -17.59
CA PHE B 30 -14.48 15.01 -16.75
C PHE B 30 -14.46 16.05 -15.64
N PRO B 31 -14.50 17.34 -15.99
CA PRO B 31 -14.27 18.38 -14.98
C PRO B 31 -15.41 18.55 -13.98
N CYS B 32 -16.56 17.92 -14.18
CA CYS B 32 -17.58 17.83 -13.14
C CYS B 32 -18.06 16.38 -13.17
N PHE B 33 -17.43 15.53 -12.37
CA PHE B 33 -17.51 14.09 -12.51
C PHE B 33 -18.30 13.47 -11.37
N TRP B 34 -19.28 12.65 -11.70
CA TRP B 34 -19.98 11.87 -10.69
C TRP B 34 -19.22 10.58 -10.40
N SER B 35 -18.75 10.44 -9.17
CA SER B 35 -18.09 9.24 -8.69
C SER B 35 -19.11 8.33 -8.01
N GLU B 36 -19.37 7.17 -8.60
CA GLU B 36 -20.34 6.27 -8.00
C GLU B 36 -19.83 5.66 -6.70
N GLU B 37 -18.52 5.52 -6.56
CA GLU B 37 -17.98 4.98 -5.30
C GLU B 37 -18.11 5.98 -4.17
N ALA B 38 -17.79 7.24 -4.41
CA ALA B 38 -17.92 8.25 -3.37
C ALA B 38 -19.33 8.81 -3.28
N GLN B 39 -20.18 8.56 -4.27
CA GLN B 39 -21.50 9.16 -4.34
C GLN B 39 -21.40 10.68 -4.17
N MET B 40 -20.52 11.28 -4.98
CA MET B 40 -20.42 12.72 -4.97
C MET B 40 -19.76 13.18 -6.27
N TRP B 41 -19.99 14.45 -6.58
CA TRP B 41 -19.35 15.11 -7.70
C TRP B 41 -17.92 15.45 -7.33
N ILE B 42 -17.03 15.39 -8.32
CA ILE B 42 -15.62 15.74 -8.13
C ILE B 42 -15.32 17.01 -8.91
N LEU B 43 -14.82 18.03 -8.21
CA LEU B 43 -14.30 19.24 -8.84
C LEU B 43 -12.78 19.18 -8.79
N SER B 44 -12.15 19.36 -9.96
CA SER B 44 -10.75 19.04 -10.13
C SER B 44 -9.95 20.20 -10.68
N ARG B 45 -10.58 21.12 -11.41
CA ARG B 45 -9.86 22.26 -11.95
C ARG B 45 -9.69 23.34 -10.91
N TYR B 46 -8.55 24.03 -10.95
CA TYR B 46 -8.24 25.09 -9.99
C TYR B 46 -9.35 26.12 -9.91
N SER B 47 -9.81 26.62 -11.06
CA SER B 47 -10.77 27.73 -11.01
C SER B 47 -12.10 27.29 -10.42
N ASP B 48 -12.52 26.06 -10.70
CA ASP B 48 -13.79 25.57 -10.16
C ASP B 48 -13.70 25.37 -8.65
N ILE B 49 -12.54 24.92 -8.17
CA ILE B 49 -12.38 24.67 -6.75
C ILE B 49 -12.32 25.98 -5.98
N VAL B 50 -11.67 27.00 -6.54
CA VAL B 50 -11.69 28.31 -5.91
C VAL B 50 -13.11 28.84 -5.82
N THR B 51 -13.85 28.79 -6.92
CA THR B 51 -15.20 29.32 -6.92
C THR B 51 -16.08 28.61 -5.90
N ALA B 52 -16.01 27.28 -5.85
CA ALA B 52 -16.84 26.52 -4.92
C ALA B 52 -16.40 26.73 -3.47
N GLY B 53 -15.10 26.75 -3.22
CA GLY B 53 -14.62 26.94 -1.86
C GLY B 53 -15.00 28.29 -1.28
N GLN B 54 -14.99 29.31 -2.14
CA GLN B 54 -15.39 30.66 -1.70
C GLN B 54 -16.89 30.76 -1.48
N ASP B 55 -17.69 30.04 -2.27
CA ASP B 55 -19.15 30.17 -2.22
C ASP B 55 -19.73 29.16 -1.23
N TRP B 56 -19.50 29.43 0.06
CA TRP B 56 -19.98 28.53 1.08
C TRP B 56 -21.50 28.49 1.15
N GLN B 57 -22.17 29.54 0.68
CA GLN B 57 -23.62 29.55 0.68
C GLN B 57 -24.17 28.46 -0.24
N THR B 58 -23.45 28.14 -1.31
CA THR B 58 -23.85 27.07 -2.22
C THR B 58 -23.22 25.75 -1.86
N TYR B 59 -21.98 25.77 -1.39
CA TYR B 59 -21.19 24.58 -1.08
C TYR B 59 -20.96 24.57 0.42
N SER B 60 -21.90 23.97 1.15
CA SER B 60 -21.91 24.01 2.59
C SER B 60 -20.93 23.01 3.20
N SER B 61 -20.37 23.39 4.34
CA SER B 61 -19.56 22.50 5.16
C SER B 61 -20.36 21.89 6.30
N ALA B 62 -21.63 22.27 6.45
CA ALA B 62 -22.41 21.93 7.64
C ALA B 62 -22.86 20.48 7.66
N SER B 63 -22.60 19.72 6.60
CA SER B 63 -22.86 18.29 6.58
C SER B 63 -21.55 17.50 6.64
N GLY B 64 -20.47 18.14 7.13
CA GLY B 64 -19.17 17.51 7.24
C GLY B 64 -18.25 17.89 6.09
N ASN B 65 -16.97 18.13 6.38
CA ASN B 65 -15.99 18.45 5.35
C ASN B 65 -14.96 17.35 5.10
N LEU B 66 -14.83 16.38 6.00
CA LEU B 66 -13.95 15.26 5.71
C LEU B 66 -14.62 14.34 4.70
N MET B 67 -13.81 13.70 3.86
CA MET B 67 -14.38 12.82 2.84
C MET B 67 -15.10 11.66 3.52
N THR B 68 -14.60 11.21 4.65
CA THR B 68 -15.20 10.15 5.45
C THR B 68 -15.43 10.68 6.85
N GLU B 69 -16.68 10.65 7.32
CA GLU B 69 -16.97 11.03 8.69
C GLU B 69 -16.41 9.98 9.65
N LEU B 70 -15.74 10.45 10.67
CA LEU B 70 -15.25 9.54 11.71
C LEU B 70 -16.34 9.30 12.73
N PRO B 71 -16.60 8.05 13.12
CA PRO B 71 -17.60 7.82 14.18
C PRO B 71 -17.20 8.55 15.45
N GLY B 72 -18.21 9.06 16.16
CA GLY B 72 -17.96 9.75 17.41
C GLY B 72 -17.29 11.09 17.26
N ARG B 73 -17.38 11.71 16.08
CA ARG B 73 -16.80 13.02 15.85
C ARG B 73 -17.86 14.09 16.09
N ALA B 74 -17.49 15.12 16.84
CA ALA B 74 -18.45 16.09 17.32
C ALA B 74 -19.13 16.83 16.17
N GLY B 75 -20.17 17.57 16.51
CA GLY B 75 -20.92 18.33 15.54
C GLY B 75 -20.44 19.77 15.43
N ALA B 76 -20.12 20.40 16.56
CA ALA B 76 -19.84 21.82 16.57
C ALA B 76 -18.39 22.12 16.20
N THR B 77 -17.81 21.32 15.32
CA THR B 77 -16.42 21.55 14.93
C THR B 77 -16.33 22.63 13.87
N LEU B 78 -15.20 23.34 13.88
CA LEU B 78 -14.98 24.42 12.93
C LEU B 78 -15.20 23.96 11.50
N GLY B 79 -14.58 22.84 11.12
CA GLY B 79 -14.59 22.44 9.74
C GLY B 79 -15.94 21.99 9.23
N SER B 80 -16.84 21.62 10.13
CA SER B 80 -18.17 21.15 9.75
C SER B 80 -19.24 22.14 10.14
N SER B 81 -18.90 23.42 10.19
CA SER B 81 -19.83 24.48 10.56
C SER B 81 -19.84 25.55 9.48
N ASP B 82 -21.02 26.07 9.17
CA ASP B 82 -21.14 27.21 8.28
C ASP B 82 -21.17 28.49 9.11
N PRO B 83 -20.81 29.63 8.52
CA PRO B 83 -21.14 30.92 9.14
C PRO B 83 -22.65 31.03 9.34
N PRO B 84 -23.11 31.86 10.27
CA PRO B 84 -22.31 32.77 11.08
C PRO B 84 -21.61 32.14 12.27
N LYS B 85 -22.09 30.97 12.70
CA LYS B 85 -21.56 30.35 13.90
C LYS B 85 -20.09 29.99 13.75
N HIS B 86 -19.70 29.53 12.56
CA HIS B 86 -18.30 29.24 12.30
C HIS B 86 -17.42 30.47 12.54
N ASP B 87 -17.90 31.64 12.13
CA ASP B 87 -17.07 32.85 12.22
C ASP B 87 -16.92 33.33 13.66
N ARG B 88 -17.94 33.15 14.50
CA ARG B 88 -17.80 33.48 15.92
C ARG B 88 -16.73 32.62 16.55
N LEU B 89 -16.79 31.30 16.30
CA LEU B 89 -15.83 30.39 16.92
C LEU B 89 -14.42 30.67 16.42
N ARG B 90 -14.26 30.79 15.10
CA ARG B 90 -12.94 31.07 14.55
C ARG B 90 -12.43 32.41 15.04
N GLY B 91 -13.32 33.39 15.16
CA GLY B 91 -12.89 34.71 15.63
C GLY B 91 -12.29 34.66 17.02
N LEU B 92 -12.91 33.89 17.91
CA LEU B 92 -12.38 33.76 19.27
C LEU B 92 -11.05 33.03 19.29
N ILE B 93 -10.89 32.00 18.46
CA ILE B 93 -9.63 31.26 18.41
C ILE B 93 -8.51 32.13 17.85
N GLN B 94 -8.81 32.87 16.78
CA GLN B 94 -7.81 33.75 16.18
C GLN B 94 -7.40 34.85 17.16
N HIS B 95 -8.33 35.34 17.98
CA HIS B 95 -7.98 36.29 19.02
C HIS B 95 -7.01 35.67 20.03
N ALA B 96 -7.28 34.44 20.43
CA ALA B 96 -6.35 33.73 21.31
C ALA B 96 -4.99 33.57 20.66
N PHE B 97 -4.95 33.28 19.36
CA PHE B 97 -3.67 33.17 18.65
C PHE B 97 -2.92 34.49 18.73
N MET B 98 -3.61 35.59 18.47
CA MET B 98 -2.97 36.90 18.47
C MET B 98 -2.40 37.23 19.84
N LYS B 99 -3.14 36.92 20.91
CA LYS B 99 -2.66 37.24 22.25
C LYS B 99 -1.40 36.45 22.58
N ARG B 100 -1.31 35.20 22.11
CA ARG B 100 -0.13 34.41 22.44
C ARG B 100 1.09 34.85 21.65
N ASN B 101 0.88 35.33 20.42
CA ASN B 101 1.92 35.61 19.42
C ASN B 101 2.47 34.30 18.87
N LEU B 102 1.91 33.82 17.75
CA LEU B 102 2.30 32.51 17.25
C LEU B 102 3.78 32.46 16.91
N MET B 103 4.35 33.55 16.41
CA MET B 103 5.75 33.49 16.00
C MET B 103 6.69 33.46 17.18
N ALA B 104 6.22 33.73 18.39
CA ALA B 104 7.01 33.51 19.59
C ALA B 104 7.16 32.03 19.93
N LEU B 105 6.58 31.14 19.11
CA LEU B 105 6.84 29.71 19.25
C LEU B 105 8.19 29.30 18.66
N GLU B 106 8.98 30.25 18.18
CA GLU B 106 10.30 29.92 17.62
C GLU B 106 11.12 29.07 18.58
N GLU B 107 11.21 29.49 19.83
CA GLU B 107 12.12 28.77 20.75
C GLU B 107 11.62 27.38 21.05
N PRO B 108 10.39 27.18 21.52
CA PRO B 108 9.96 25.80 21.83
C PRO B 108 10.01 24.90 20.61
N ILE B 109 9.68 25.43 19.43
CA ILE B 109 9.71 24.58 18.23
C ILE B 109 11.14 24.19 17.87
N ARG B 110 12.07 25.16 17.94
CA ARG B 110 13.44 24.82 17.60
C ARG B 110 14.05 23.89 18.64
N ASP B 111 13.71 24.09 19.92
CA ASP B 111 14.14 23.18 20.96
C ASP B 111 13.69 21.76 20.67
N VAL B 112 12.42 21.60 20.27
CA VAL B 112 11.90 20.28 19.94
C VAL B 112 12.64 19.71 18.73
N ALA B 113 12.80 20.52 17.68
CA ALA B 113 13.49 20.04 16.48
C ALA B 113 14.91 19.59 16.80
N LYS B 114 15.65 20.39 17.57
CA LYS B 114 17.01 19.99 17.93
C LYS B 114 17.02 18.64 18.65
N GLN B 115 16.11 18.46 19.61
CA GLN B 115 16.11 17.22 20.39
C GLN B 115 15.69 16.04 19.52
N VAL B 116 14.66 16.22 18.71
CA VAL B 116 14.17 15.11 17.91
C VAL B 116 15.20 14.70 16.86
N PHE B 117 15.71 15.65 16.09
CA PHE B 117 16.54 15.27 14.95
C PHE B 117 17.96 14.89 15.33
N ALA B 118 18.40 15.22 16.54
CA ALA B 118 19.65 14.70 17.04
C ALA B 118 19.68 13.18 17.02
N GLN B 119 18.51 12.55 17.06
CA GLN B 119 18.45 11.10 17.15
C GLN B 119 18.89 10.42 15.87
N VAL B 120 18.96 11.13 14.74
CA VAL B 120 19.37 10.53 13.48
C VAL B 120 20.75 11.01 13.06
N LYS B 121 21.48 11.66 13.94
CA LYS B 121 22.86 12.03 13.63
C LYS B 121 23.70 10.79 13.40
N GLY B 122 24.32 10.71 12.22
CA GLY B 122 25.21 9.62 11.90
C GLY B 122 24.52 8.30 11.61
N VAL B 123 23.20 8.29 11.55
CA VAL B 123 22.44 7.06 11.35
C VAL B 123 22.34 6.75 9.86
N LYS B 124 22.62 5.49 9.51
CA LYS B 124 22.70 5.11 8.11
C LYS B 124 21.33 5.15 7.44
N GLU B 125 20.29 4.66 8.12
CA GLU B 125 18.96 4.59 7.55
C GLU B 125 17.95 4.75 8.67
N PHE B 126 16.84 5.43 8.38
CA PHE B 126 15.81 5.64 9.38
C PHE B 126 14.51 5.94 8.67
N ASP B 127 13.41 5.76 9.40
CA ASP B 127 12.08 6.08 8.91
C ASP B 127 11.75 7.49 9.36
N PHE B 128 11.63 8.41 8.39
CA PHE B 128 11.29 9.78 8.74
C PHE B 128 9.96 9.88 9.48
N LYS B 129 9.10 8.86 9.39
CA LYS B 129 7.84 8.93 10.13
C LYS B 129 8.09 9.04 11.63
N ASP B 130 9.12 8.37 12.14
CA ASP B 130 9.38 8.39 13.57
C ASP B 130 9.72 9.80 14.04
N VAL B 131 10.70 10.44 13.39
CA VAL B 131 11.08 11.77 13.84
C VAL B 131 9.98 12.77 13.51
N SER B 132 9.31 12.64 12.36
CA SER B 132 8.28 13.63 12.02
C SER B 132 7.09 13.53 12.98
N SER B 133 6.71 12.31 13.38
CA SER B 133 5.63 12.16 14.34
C SER B 133 6.03 12.73 15.71
N GLN B 134 7.25 12.43 16.16
CA GLN B 134 7.73 12.97 17.43
C GLN B 134 7.71 14.48 17.41
N PHE B 135 8.27 15.07 16.35
CA PHE B 135 8.33 16.54 16.24
C PHE B 135 6.94 17.13 16.24
N THR B 136 6.04 16.56 15.42
CA THR B 136 4.72 17.14 15.24
C THR B 136 3.95 17.15 16.55
N VAL B 137 3.94 16.03 17.26
CA VAL B 137 3.18 15.98 18.50
C VAL B 137 3.80 16.91 19.54
N LYS B 138 5.13 16.90 19.66
CA LYS B 138 5.79 17.78 20.62
C LYS B 138 5.47 19.24 20.34
N VAL B 139 5.44 19.64 19.06
CA VAL B 139 5.13 21.03 18.72
C VAL B 139 3.72 21.37 19.17
N LEU B 140 2.77 20.49 18.88
CA LEU B 140 1.39 20.74 19.31
C LEU B 140 1.30 20.81 20.83
N MET B 141 2.02 19.93 21.55
CA MET B 141 2.02 20.03 23.01
C MET B 141 2.59 21.35 23.47
N ALA B 142 3.70 21.79 22.87
CA ALA B 142 4.32 23.03 23.30
C ALA B 142 3.41 24.22 23.01
N ALA B 143 2.80 24.23 21.82
CA ALA B 143 1.91 25.34 21.45
C ALA B 143 0.70 25.40 22.37
N LEU B 144 0.07 24.26 22.63
CA LEU B 144 -1.17 24.24 23.40
C LEU B 144 -0.92 24.45 24.89
N GLY B 145 0.22 24.02 25.39
CA GLY B 145 0.47 23.98 26.81
C GLY B 145 0.30 22.63 27.47
N LEU B 146 0.43 21.54 26.73
CA LEU B 146 0.39 20.21 27.33
C LEU B 146 1.76 19.91 27.93
N PRO B 147 1.84 19.58 29.22
CA PRO B 147 3.17 19.51 29.87
C PRO B 147 4.07 18.47 29.22
N MET B 148 5.32 18.85 29.01
CA MET B 148 6.29 18.03 28.32
C MET B 148 7.47 17.70 29.22
N GLY B 149 8.25 16.71 28.78
CA GLY B 149 9.53 16.37 29.38
C GLY B 149 9.54 16.20 30.89
N GLU B 150 10.73 16.23 31.46
CA GLU B 150 10.92 16.13 32.92
C GLU B 150 10.13 14.94 33.43
N ASP B 151 9.68 15.02 34.69
CA ASP B 151 8.80 14.01 35.28
C ASP B 151 7.35 14.46 35.20
N ALA B 152 6.94 14.95 34.02
CA ALA B 152 5.54 15.29 33.81
C ALA B 152 4.66 14.14 34.24
N LEU B 153 3.55 14.47 34.90
CA LEU B 153 2.66 13.43 35.43
C LEU B 153 2.33 12.40 34.35
N VAL B 154 1.97 12.87 33.16
CA VAL B 154 1.71 11.99 32.02
C VAL B 154 2.91 12.09 31.08
N PRO B 155 3.79 11.08 31.04
CA PRO B 155 4.97 11.17 30.17
C PRO B 155 4.60 11.51 28.74
N GLU B 156 5.49 12.29 28.10
CA GLU B 156 5.29 12.70 26.71
C GLU B 156 4.96 11.51 25.82
N HIS B 157 5.80 10.48 25.87
CA HIS B 157 5.66 9.36 24.94
C HIS B 157 4.25 8.77 25.01
N GLU B 158 3.62 8.81 26.19
CA GLU B 158 2.23 8.38 26.30
C GLU B 158 1.32 9.29 25.49
N VAL B 159 1.50 10.60 25.62
CA VAL B 159 0.72 11.55 24.85
C VAL B 159 0.95 11.32 23.36
N ARG B 160 2.22 11.19 22.96
CA ARG B 160 2.54 10.93 21.56
C ARG B 160 1.86 9.66 21.07
N GLU B 161 1.98 8.57 21.83
CA GLU B 161 1.41 7.30 21.40
C GLU B 161 -0.09 7.43 21.15
N ASN B 162 -0.81 8.10 22.04
CA ASN B 162 -2.25 8.25 21.86
C ASN B 162 -2.58 9.24 20.75
N ALA B 163 -1.77 10.27 20.58
CA ALA B 163 -2.03 11.24 19.52
C ALA B 163 -1.80 10.62 18.15
N VAL B 164 -0.68 9.91 17.99
CA VAL B 164 -0.36 9.31 16.70
C VAL B 164 -1.30 8.14 16.40
N LEU B 165 -1.94 7.58 17.43
CA LEU B 165 -2.86 6.47 17.21
C LEU B 165 -4.25 6.95 16.84
N MET B 166 -4.71 8.05 17.44
CA MET B 166 -6.07 8.51 17.21
C MET B 166 -6.27 9.10 15.82
N VAL B 167 -5.20 9.33 15.06
CA VAL B 167 -5.30 9.75 13.68
C VAL B 167 -4.96 8.64 12.70
N GLN B 168 -4.53 7.47 13.20
CA GLN B 168 -4.38 6.30 12.35
C GLN B 168 -5.75 5.71 12.03
N SER B 169 -5.81 4.93 10.96
CA SER B 169 -7.05 4.34 10.50
C SER B 169 -6.78 2.96 9.93
N ASP B 170 -7.70 2.03 10.17
CA ASP B 170 -7.59 0.69 9.60
C ASP B 170 -7.57 0.78 8.08
N ALA B 171 -6.76 -0.10 7.46
CA ALA B 171 -6.59 -0.05 6.01
C ALA B 171 -7.80 -0.61 5.27
N ARG B 172 -8.47 -1.61 5.83
CA ARG B 172 -9.58 -2.25 5.14
C ARG B 172 -10.77 -1.30 5.00
N THR B 173 -11.38 -0.95 6.13
CA THR B 173 -12.59 -0.13 6.12
C THR B 173 -12.32 1.36 6.05
N ARG B 174 -11.06 1.77 5.91
CA ARG B 174 -10.71 3.20 5.87
C ARG B 174 -11.37 3.93 7.03
N ALA B 175 -11.36 3.30 8.20
CA ALA B 175 -12.17 3.76 9.32
C ALA B 175 -11.34 3.62 10.59
N LYS B 176 -12.03 3.60 11.74
CA LYS B 176 -11.41 3.64 13.04
C LYS B 176 -12.01 2.56 13.92
N GLY B 177 -11.15 1.83 14.63
CA GLY B 177 -11.59 0.83 15.58
C GLY B 177 -11.33 1.24 17.00
N PRO B 178 -11.74 0.40 17.96
CA PRO B 178 -11.70 0.82 19.37
C PRO B 178 -10.30 1.11 19.89
N GLU B 179 -9.24 0.69 19.18
CA GLU B 179 -7.89 1.05 19.57
C GLU B 179 -7.57 2.48 19.16
N HIS B 180 -7.92 2.85 17.93
CA HIS B 180 -7.76 4.23 17.48
C HIS B 180 -8.71 5.14 18.23
N ILE B 181 -9.91 4.66 18.51
CA ILE B 181 -10.93 5.45 19.18
C ILE B 181 -10.69 5.50 20.68
N ALA B 182 -10.11 4.44 21.25
CA ALA B 182 -9.69 4.50 22.65
C ALA B 182 -8.81 5.71 22.90
N ALA B 183 -7.89 5.99 21.97
CA ALA B 183 -6.96 7.09 22.13
C ALA B 183 -7.65 8.44 22.16
N TYR B 184 -8.87 8.56 21.62
CA TYR B 184 -9.53 9.85 21.55
C TYR B 184 -10.06 10.28 22.93
N ASN B 185 -10.80 9.41 23.60
CA ASN B 185 -11.31 9.76 24.92
C ASN B 185 -10.18 9.85 25.93
N TRP B 186 -9.09 9.09 25.72
CA TRP B 186 -7.89 9.29 26.54
C TRP B 186 -7.38 10.72 26.39
N MET B 187 -7.23 11.17 25.15
CA MET B 187 -6.75 12.53 24.89
C MET B 187 -7.72 13.57 25.43
N GLN B 188 -9.03 13.29 25.39
CA GLN B 188 -10.02 14.24 25.89
C GLN B 188 -9.95 14.34 27.41
N ASP B 189 -9.81 13.21 28.09
CA ASP B 189 -9.62 13.25 29.54
C ASP B 189 -8.33 13.97 29.89
N TYR B 190 -7.24 13.60 29.20
CA TYR B 190 -5.95 14.26 29.42
C TYR B 190 -6.04 15.76 29.21
N ALA B 191 -6.63 16.17 28.09
CA ALA B 191 -6.73 17.60 27.80
C ALA B 191 -7.63 18.32 28.79
N SER B 192 -8.71 17.66 29.22
CA SER B 192 -9.61 18.30 30.18
C SER B 192 -8.88 18.62 31.48
N LYS B 193 -8.00 17.72 31.92
CA LYS B 193 -7.24 17.97 33.15
C LYS B 193 -6.31 19.16 32.98
N VAL B 194 -5.68 19.29 31.82
CA VAL B 194 -4.79 20.41 31.58
C VAL B 194 -5.59 21.71 31.48
N ILE B 195 -6.73 21.67 30.78
CA ILE B 195 -7.56 22.86 30.67
C ILE B 195 -7.98 23.35 32.06
N ALA B 196 -8.31 22.42 32.95
CA ALA B 196 -8.70 22.81 34.31
C ALA B 196 -7.58 23.54 35.01
N MET B 197 -6.36 22.99 34.94
CA MET B 197 -5.21 23.64 35.57
C MET B 197 -5.02 25.05 35.04
N ARG B 198 -5.13 25.22 33.72
CA ARG B 198 -4.83 26.52 33.11
C ARG B 198 -5.91 27.55 33.45
N ARG B 199 -7.14 27.10 33.74
CA ARG B 199 -8.13 28.02 34.30
C ARG B 199 -7.79 28.39 35.73
N ALA B 200 -7.18 27.46 36.47
CA ALA B 200 -6.78 27.74 37.85
C ALA B 200 -5.61 28.73 37.89
N SER B 201 -4.69 28.65 36.93
CA SER B 201 -3.57 29.57 36.85
C SER B 201 -3.11 29.67 35.41
N PRO B 202 -3.55 30.68 34.67
CA PRO B 202 -3.17 30.77 33.26
C PRO B 202 -1.66 30.80 33.09
N GLN B 203 -1.21 30.27 31.96
CA GLN B 203 0.18 30.26 31.56
C GLN B 203 0.31 30.81 30.14
N ASN B 204 1.54 30.93 29.68
CA ASN B 204 1.80 31.48 28.35
C ASN B 204 1.69 30.35 27.31
N ASP B 205 0.45 29.93 27.06
CA ASP B 205 0.20 28.86 26.11
C ASP B 205 -1.17 29.09 25.48
N LEU B 206 -1.48 28.27 24.47
CA LEU B 206 -2.72 28.52 23.72
C LEU B 206 -3.96 28.13 24.53
N ILE B 207 -3.87 27.06 25.33
CA ILE B 207 -5.05 26.65 26.12
C ILE B 207 -5.46 27.77 27.06
N SER B 208 -4.47 28.35 27.76
CA SER B 208 -4.78 29.47 28.65
C SER B 208 -5.44 30.61 27.89
N ASN B 209 -4.96 30.89 26.67
CA ASN B 209 -5.53 31.99 25.90
C ASN B 209 -6.90 31.65 25.35
N PHE B 210 -7.16 30.35 25.08
CA PHE B 210 -8.52 29.96 24.72
C PHE B 210 -9.48 30.29 25.86
N ALA B 211 -9.04 30.05 27.11
CA ALA B 211 -9.90 30.29 28.26
C ALA B 211 -10.09 31.77 28.53
N LEU B 212 -9.11 32.61 28.18
CA LEU B 212 -9.17 34.02 28.49
C LEU B 212 -9.72 34.86 27.35
N ALA B 213 -9.73 34.35 26.12
CA ALA B 213 -10.19 35.12 24.98
C ALA B 213 -11.59 35.67 25.23
N GLU B 214 -11.72 36.99 25.10
CA GLU B 214 -12.99 37.69 25.25
C GLU B 214 -13.14 38.70 24.14
N ILE B 215 -14.32 38.70 23.51
CA ILE B 215 -14.66 39.68 22.47
C ILE B 215 -16.05 40.22 22.81
N ASP B 216 -16.10 41.41 23.43
CA ASP B 216 -17.37 42.05 23.80
C ASP B 216 -18.17 41.17 24.76
N GLY B 217 -17.48 40.53 25.70
CA GLY B 217 -18.13 39.66 26.65
C GLY B 217 -18.36 38.25 26.17
N ASP B 218 -18.20 37.98 24.87
CA ASP B 218 -18.29 36.62 24.36
C ASP B 218 -17.00 35.85 24.66
N ARG B 219 -17.14 34.56 24.95
CA ARG B 219 -16.01 33.74 25.33
C ARG B 219 -16.29 32.30 24.96
N LEU B 220 -15.22 31.50 24.91
CA LEU B 220 -15.35 30.06 24.72
C LEU B 220 -15.71 29.42 26.05
N ASP B 221 -16.79 28.65 26.08
CA ASP B 221 -17.12 27.93 27.29
C ASP B 221 -16.25 26.67 27.39
N ASP B 222 -16.31 26.01 28.55
CA ASP B 222 -15.42 24.90 28.82
C ASP B 222 -15.47 23.85 27.71
N ARG B 223 -16.67 23.53 27.23
CA ARG B 223 -16.76 22.49 26.20
C ARG B 223 -16.16 22.95 24.88
N GLU B 224 -16.32 24.23 24.54
CA GLU B 224 -15.71 24.74 23.31
C GLU B 224 -14.19 24.75 23.41
N VAL B 225 -13.65 25.08 24.58
CA VAL B 225 -12.21 25.04 24.76
C VAL B 225 -11.69 23.61 24.57
N LEU B 226 -12.40 22.64 25.13
CA LEU B 226 -12.00 21.25 24.98
C LEU B 226 -12.04 20.81 23.53
N LEU B 227 -13.15 21.07 22.84
CA LEU B 227 -13.25 20.64 21.45
C LEU B 227 -12.23 21.37 20.58
N THR B 228 -11.99 22.66 20.85
CA THR B 228 -10.96 23.37 20.11
C THR B 228 -9.59 22.71 20.30
N THR B 229 -9.27 22.38 21.55
CA THR B 229 -7.97 21.78 21.85
C THR B 229 -7.82 20.45 21.13
N THR B 230 -8.84 19.58 21.21
CA THR B 230 -8.74 18.29 20.54
C THR B 230 -8.74 18.44 19.03
N THR B 231 -9.52 19.38 18.50
CA THR B 231 -9.53 19.61 17.06
C THR B 231 -8.14 20.00 16.56
N LEU B 232 -7.45 20.88 17.29
CA LEU B 232 -6.13 21.30 16.87
C LEU B 232 -5.13 20.16 16.95
N ILE B 233 -5.25 19.29 17.96
CA ILE B 233 -4.39 18.12 18.03
C ILE B 233 -4.64 17.22 16.84
N MET B 234 -5.91 16.91 16.58
CA MET B 234 -6.25 16.02 15.47
C MET B 234 -5.76 16.60 14.15
N ALA B 235 -6.27 17.78 13.80
CA ALA B 235 -5.91 18.41 12.53
C ALA B 235 -4.41 18.56 12.43
N GLY B 236 -3.77 18.95 13.51
CA GLY B 236 -2.33 19.13 13.50
C GLY B 236 -1.57 17.88 13.17
N VAL B 237 -1.78 16.82 13.96
CA VAL B 237 -0.97 15.61 13.80
C VAL B 237 -1.16 15.01 12.42
N GLU B 238 -2.39 14.99 11.93
CA GLU B 238 -2.66 14.40 10.62
C GLU B 238 -2.12 15.27 9.50
N SER B 239 -2.46 16.55 9.50
CA SER B 239 -2.10 17.41 8.39
C SER B 239 -0.62 17.79 8.43
N LEU B 240 -0.14 18.25 9.59
CA LEU B 240 1.26 18.67 9.68
C LEU B 240 2.19 17.47 9.64
N GLY B 241 1.87 16.41 10.37
CA GLY B 241 2.69 15.21 10.27
C GLY B 241 2.77 14.70 8.85
N GLY B 242 1.63 14.63 8.17
CA GLY B 242 1.64 14.17 6.79
C GLY B 242 2.43 15.07 5.87
N PHE B 243 2.33 16.38 6.07
CA PHE B 243 3.04 17.27 5.17
C PHE B 243 4.54 17.27 5.44
N MET B 244 4.95 17.13 6.71
CA MET B 244 6.37 16.95 7.01
C MET B 244 6.94 15.80 6.19
N MET B 245 6.18 14.71 6.12
CA MET B 245 6.59 13.56 5.31
C MET B 245 6.64 13.90 3.83
N MET B 246 5.63 14.66 3.34
CA MET B 246 5.66 14.99 1.91
C MET B 246 6.87 15.85 1.57
N PHE B 247 7.21 16.82 2.42
CA PHE B 247 8.34 17.70 2.14
C PHE B 247 9.64 16.91 2.10
N ALA B 248 9.87 16.05 3.11
CA ALA B 248 11.06 15.21 3.11
C ALA B 248 11.08 14.27 1.89
N TYR B 249 9.92 13.74 1.54
CA TYR B 249 9.82 12.89 0.35
C TYR B 249 10.26 13.65 -0.90
N ASN B 250 9.81 14.90 -1.05
CA ASN B 250 10.20 15.68 -2.22
C ASN B 250 11.68 15.96 -2.20
N LEU B 251 12.22 16.42 -1.07
CA LEU B 251 13.64 16.74 -1.04
C LEU B 251 14.49 15.50 -1.24
N ALA B 252 14.05 14.35 -0.72
CA ALA B 252 14.80 13.12 -0.95
C ALA B 252 14.78 12.74 -2.43
N THR B 253 13.68 13.03 -3.12
CA THR B 253 13.52 12.65 -4.52
C THR B 253 14.27 13.58 -5.45
N PHE B 254 14.28 14.88 -5.17
CA PHE B 254 14.76 15.91 -6.09
C PHE B 254 16.08 16.47 -5.56
N ASP B 255 17.18 15.89 -6.06
CA ASP B 255 18.50 16.17 -5.51
C ASP B 255 18.82 17.66 -5.54
N GLU B 256 18.54 18.33 -6.65
CA GLU B 256 18.96 19.72 -6.79
C GLU B 256 18.26 20.61 -5.79
N ALA B 257 16.96 20.38 -5.57
CA ALA B 257 16.21 21.14 -4.57
C ALA B 257 16.80 20.91 -3.17
N ARG B 258 17.05 19.65 -2.83
CA ARG B 258 17.61 19.35 -1.53
C ARG B 258 18.96 20.03 -1.34
N ARG B 259 19.88 19.81 -2.27
CA ARG B 259 21.19 20.45 -2.19
C ARG B 259 21.04 21.95 -2.00
N ALA B 260 20.10 22.57 -2.72
CA ALA B 260 19.99 24.02 -2.68
C ALA B 260 19.51 24.52 -1.32
N VAL B 261 18.50 23.87 -0.73
CA VAL B 261 17.98 24.37 0.54
C VAL B 261 18.92 24.03 1.68
N VAL B 262 19.69 22.94 1.55
CA VAL B 262 20.68 22.64 2.58
C VAL B 262 21.78 23.68 2.57
N ALA B 263 22.24 24.07 1.39
CA ALA B 263 23.31 25.07 1.31
C ALA B 263 22.80 26.46 1.66
N ASN B 264 21.54 26.77 1.34
CA ASN B 264 20.96 28.08 1.61
C ASN B 264 19.62 27.89 2.28
N PRO B 265 19.59 27.73 3.60
CA PRO B 265 18.31 27.47 4.29
C PRO B 265 17.29 28.60 4.15
N ALA B 266 17.71 29.80 3.73
CA ALA B 266 16.74 30.85 3.45
C ALA B 266 15.81 30.48 2.31
N LEU B 267 16.13 29.44 1.54
CA LEU B 267 15.24 28.99 0.49
C LEU B 267 14.14 28.06 0.99
N LEU B 268 14.16 27.69 2.27
CA LEU B 268 13.18 26.72 2.76
C LEU B 268 11.75 27.20 2.67
N PRO B 269 11.41 28.44 3.09
CA PRO B 269 10.00 28.85 2.99
C PRO B 269 9.43 28.70 1.59
N ASP B 270 10.18 29.08 0.57
CA ASP B 270 9.65 28.96 -0.79
C ASP B 270 9.56 27.50 -1.21
N ALA B 271 10.53 26.67 -0.79
CA ALA B 271 10.45 25.24 -1.10
C ALA B 271 9.24 24.60 -0.44
N ILE B 272 8.94 25.02 0.80
CA ILE B 272 7.75 24.53 1.50
C ILE B 272 6.49 24.89 0.73
N GLU B 273 6.40 26.11 0.23
CA GLU B 273 5.23 26.49 -0.54
C GLU B 273 5.11 25.65 -1.82
N GLU B 274 6.24 25.38 -2.49
CA GLU B 274 6.16 24.55 -3.69
C GLU B 274 5.75 23.12 -3.34
N SER B 275 6.13 22.61 -2.16
CA SER B 275 5.63 21.29 -1.78
C SER B 275 4.15 21.32 -1.42
N LEU B 276 3.66 22.42 -0.83
CA LEU B 276 2.23 22.55 -0.59
C LEU B 276 1.46 22.56 -1.90
N ARG B 277 2.02 23.20 -2.94
CA ARG B 277 1.37 23.17 -4.25
C ARG B 277 1.52 21.80 -4.89
N PHE B 278 2.75 21.27 -4.93
CA PHE B 278 3.01 20.04 -5.66
C PHE B 278 2.24 18.86 -5.05
N ASN B 279 2.19 18.79 -3.73
CA ASN B 279 1.53 17.69 -3.05
C ASN B 279 1.21 17.99 -1.60
N THR B 280 0.19 18.79 -1.35
CA THR B 280 -0.27 18.94 0.03
C THR B 280 -0.66 17.59 0.62
N SER B 281 -0.54 17.48 1.94
CA SER B 281 -1.10 16.32 2.62
C SER B 281 -2.62 16.36 2.69
N ALA B 282 -3.22 17.53 2.52
CA ALA B 282 -4.65 17.72 2.71
C ALA B 282 -5.29 17.80 1.32
N GLN B 283 -5.50 16.62 0.73
CA GLN B 283 -5.73 16.54 -0.71
C GLN B 283 -7.16 16.81 -1.13
N ARG B 284 -8.15 16.33 -0.37
CA ARG B 284 -9.54 16.29 -0.84
C ARG B 284 -10.48 16.52 0.32
N PHE B 285 -11.43 17.46 0.17
CA PHE B 285 -12.45 17.72 1.18
C PHE B 285 -13.80 17.80 0.52
N ARG B 286 -14.84 17.65 1.31
CA ARG B 286 -16.18 17.63 0.73
C ARG B 286 -17.02 18.83 1.18
N ARG B 287 -18.08 19.05 0.41
CA ARG B 287 -19.10 20.04 0.62
C ARG B 287 -20.43 19.44 0.22
N ARG B 288 -21.53 20.07 0.63
CA ARG B 288 -22.87 19.62 0.24
C ARG B 288 -23.58 20.76 -0.47
N LEU B 289 -24.22 20.46 -1.59
CA LEU B 289 -24.90 21.48 -2.36
C LEU B 289 -26.17 21.93 -1.65
N MET B 290 -26.36 23.23 -1.59
CA MET B 290 -27.56 23.83 -1.02
C MET B 290 -28.53 24.28 -2.09
N LYS B 291 -28.14 24.22 -3.36
CA LYS B 291 -29.04 24.49 -4.47
C LYS B 291 -28.51 23.75 -5.68
N ASP B 292 -29.36 23.61 -6.69
CA ASP B 292 -28.90 23.02 -7.94
C ASP B 292 -27.82 23.89 -8.55
N VAL B 293 -26.83 23.24 -9.17
CA VAL B 293 -25.76 23.93 -9.89
C VAL B 293 -25.48 23.16 -11.18
N THR B 294 -25.54 23.85 -12.32
CA THR B 294 -25.13 23.28 -13.60
C THR B 294 -23.72 23.74 -13.89
N LEU B 295 -22.84 22.78 -14.19
CA LEU B 295 -21.42 23.07 -14.38
C LEU B 295 -20.85 22.09 -15.37
N HIS B 296 -20.19 22.60 -16.42
CA HIS B 296 -19.60 21.78 -17.49
C HIS B 296 -20.60 20.76 -18.03
N GLY B 297 -21.84 21.20 -18.27
CA GLY B 297 -22.86 20.36 -18.85
C GLY B 297 -23.55 19.43 -17.89
N GLN B 298 -23.10 19.34 -16.64
CA GLN B 298 -23.67 18.46 -15.64
C GLN B 298 -24.57 19.27 -14.71
N THR B 299 -25.63 18.63 -14.23
CA THR B 299 -26.54 19.29 -13.29
C THR B 299 -26.34 18.63 -11.93
N MET B 300 -25.60 19.30 -11.05
CA MET B 300 -25.53 18.89 -9.66
C MET B 300 -26.76 19.40 -8.92
N LYS B 301 -27.31 18.57 -8.05
CA LYS B 301 -28.59 18.85 -7.41
C LYS B 301 -28.39 19.14 -5.93
N GLU B 302 -29.26 19.96 -5.36
CA GLU B 302 -29.17 20.25 -3.94
C GLU B 302 -29.19 18.92 -3.18
N GLY B 303 -28.39 18.85 -2.13
CA GLY B 303 -28.27 17.64 -1.34
C GLY B 303 -27.17 16.72 -1.80
N ASP B 304 -26.73 16.84 -3.05
CA ASP B 304 -25.56 16.12 -3.51
C ASP B 304 -24.32 16.61 -2.80
N PHE B 305 -23.39 15.70 -2.58
CA PHE B 305 -22.07 16.08 -2.07
C PHE B 305 -21.12 16.35 -3.22
N VAL B 306 -20.09 17.15 -2.92
CA VAL B 306 -19.08 17.57 -3.89
C VAL B 306 -17.71 17.46 -3.21
N CYS B 307 -16.73 16.94 -3.96
CA CYS B 307 -15.34 16.86 -3.52
C CYS B 307 -14.57 18.03 -4.11
N LEU B 308 -13.97 18.84 -3.26
CA LEU B 308 -13.00 19.84 -3.66
C LEU B 308 -11.60 19.22 -3.62
N ALA B 309 -11.07 18.85 -4.79
CA ALA B 309 -9.79 18.14 -4.82
C ALA B 309 -8.67 19.17 -4.93
N TYR B 310 -8.33 19.77 -3.78
CA TYR B 310 -7.25 20.75 -3.72
C TYR B 310 -5.99 20.21 -4.38
N GLY B 311 -5.66 18.94 -4.15
CA GLY B 311 -4.45 18.38 -4.71
C GLY B 311 -4.47 18.38 -6.22
N SER B 312 -5.65 18.36 -6.82
CA SER B 312 -5.79 18.42 -8.27
C SER B 312 -5.68 19.85 -8.78
N GLY B 313 -6.40 20.76 -8.13
CA GLY B 313 -6.33 22.15 -8.55
C GLY B 313 -4.91 22.66 -8.55
N ASN B 314 -4.10 22.21 -7.60
CA ASN B 314 -2.71 22.64 -7.50
C ASN B 314 -1.82 22.07 -8.59
N ARG B 315 -2.28 21.06 -9.33
CA ARG B 315 -1.52 20.48 -10.43
C ARG B 315 -2.13 20.83 -11.78
N ASP B 316 -2.95 21.89 -11.82
CA ASP B 316 -3.68 22.32 -13.01
C ASP B 316 -2.82 23.28 -13.82
N GLU B 317 -2.46 22.86 -15.04
CA GLU B 317 -1.65 23.74 -15.90
C GLU B 317 -2.38 25.02 -16.30
N ARG B 318 -3.71 25.06 -16.14
CA ARG B 318 -4.45 26.29 -16.40
C ARG B 318 -4.07 27.39 -15.42
N GLN B 319 -3.54 27.01 -14.25
CA GLN B 319 -3.10 27.96 -13.23
C GLN B 319 -1.59 28.00 -13.07
N TYR B 320 -0.91 26.86 -13.14
CA TYR B 320 0.52 26.75 -12.88
C TYR B 320 1.20 26.16 -14.10
N PRO B 321 2.05 26.89 -14.82
CA PRO B 321 2.74 26.29 -15.97
C PRO B 321 3.65 25.16 -15.52
N ASN B 322 3.75 24.12 -16.34
CA ASN B 322 4.55 22.94 -16.04
C ASN B 322 4.23 22.46 -14.63
N PRO B 323 2.96 22.14 -14.35
CA PRO B 323 2.54 21.88 -12.97
C PRO B 323 3.13 20.63 -12.35
N ASP B 324 3.58 19.67 -13.15
CA ASP B 324 4.16 18.44 -12.63
C ASP B 324 5.65 18.57 -12.38
N VAL B 325 6.21 19.77 -12.56
CA VAL B 325 7.61 20.04 -12.25
C VAL B 325 7.67 20.58 -10.83
N TYR B 326 8.51 19.97 -10.00
CA TYR B 326 8.81 20.48 -8.67
C TYR B 326 9.92 21.53 -8.79
N ASP B 327 9.55 22.80 -8.59
CA ASP B 327 10.44 23.95 -8.81
C ASP B 327 10.41 24.83 -7.57
N ILE B 328 11.40 24.68 -6.70
CA ILE B 328 11.38 25.43 -5.44
C ILE B 328 11.55 26.93 -5.65
N ALA B 329 11.91 27.37 -6.86
CA ALA B 329 11.99 28.79 -7.18
C ALA B 329 10.67 29.33 -7.75
N ARG B 330 9.64 28.49 -7.84
CA ARG B 330 8.40 28.88 -8.50
C ARG B 330 7.69 30.01 -7.75
N LYS B 331 7.76 30.01 -6.42
CA LYS B 331 7.01 30.94 -5.58
C LYS B 331 5.54 30.94 -5.99
N PRO B 332 4.85 29.81 -5.89
CA PRO B 332 3.46 29.76 -6.34
C PRO B 332 2.57 30.61 -5.45
N ARG B 333 1.70 31.39 -6.08
CA ARG B 333 0.75 32.20 -5.36
C ARG B 333 -0.63 31.60 -5.52
N GLY B 334 -1.45 31.75 -4.48
CA GLY B 334 -2.80 31.29 -4.53
C GLY B 334 -2.95 29.78 -4.55
N HIS B 335 -1.96 29.04 -4.05
CA HIS B 335 -2.15 27.59 -4.07
C HIS B 335 -3.22 27.19 -3.05
N LEU B 336 -3.70 25.96 -3.22
CA LEU B 336 -4.81 25.42 -2.48
C LEU B 336 -4.38 24.42 -1.41
N GLY B 337 -3.09 24.37 -1.09
CA GLY B 337 -2.61 23.37 -0.16
C GLY B 337 -3.18 23.52 1.24
N PHE B 338 -3.62 24.72 1.60
CA PHE B 338 -4.30 25.01 2.86
C PHE B 338 -5.77 25.30 2.65
N GLY B 339 -6.32 24.97 1.48
CA GLY B 339 -7.70 25.30 1.20
C GLY B 339 -7.84 26.73 0.75
N GLY B 340 -9.01 27.30 1.03
CA GLY B 340 -9.27 28.67 0.67
C GLY B 340 -10.66 29.12 1.10
N GLY B 341 -10.81 30.39 1.44
CA GLY B 341 -12.10 30.88 1.88
C GLY B 341 -12.24 30.84 3.39
N VAL B 342 -13.48 30.73 3.88
CA VAL B 342 -13.69 30.92 5.30
C VAL B 342 -13.09 29.81 6.13
N HIS B 343 -12.83 28.64 5.53
CA HIS B 343 -12.25 27.50 6.25
C HIS B 343 -10.77 27.31 5.98
N ALA B 344 -10.12 28.26 5.29
CA ALA B 344 -8.69 28.12 5.01
C ALA B 344 -7.96 27.80 6.30
N CYS B 345 -6.97 26.91 6.18
CA CYS B 345 -6.34 26.30 7.34
C CYS B 345 -6.05 27.29 8.45
N LEU B 346 -6.65 27.06 9.61
CA LEU B 346 -6.40 27.88 10.78
C LEU B 346 -4.98 27.74 11.29
N GLY B 347 -4.31 26.65 10.96
CA GLY B 347 -2.97 26.36 11.39
C GLY B 347 -1.89 26.84 10.43
N THR B 348 -2.24 27.65 9.43
CA THR B 348 -1.32 27.99 8.35
C THR B 348 -0.01 28.57 8.89
N ALA B 349 -0.10 29.57 9.76
CA ALA B 349 1.11 30.23 10.24
C ALA B 349 1.94 29.29 11.11
N ILE B 350 1.29 28.52 11.99
CA ILE B 350 1.99 27.55 12.82
C ILE B 350 2.70 26.53 11.95
N ALA B 351 2.00 26.03 10.93
CA ALA B 351 2.57 24.99 10.07
C ALA B 351 3.77 25.50 9.29
N ARG B 352 3.66 26.69 8.71
CA ARG B 352 4.79 27.24 7.95
C ARG B 352 6.01 27.43 8.83
N LEU B 353 5.80 27.89 10.07
CA LEU B 353 6.92 28.10 10.98
C LEU B 353 7.54 26.77 11.39
N ALA B 354 6.68 25.81 11.75
CA ALA B 354 7.17 24.54 12.26
C ALA B 354 7.96 23.78 11.19
N VAL B 355 7.45 23.72 9.97
CA VAL B 355 8.17 22.96 8.94
C VAL B 355 9.51 23.62 8.64
N LYS B 356 9.53 24.95 8.57
CA LYS B 356 10.77 25.68 8.33
C LYS B 356 11.81 25.35 9.39
N ILE B 357 11.43 25.47 10.67
CA ILE B 357 12.39 25.24 11.75
C ILE B 357 12.81 23.77 11.78
N ALA B 358 11.86 22.86 11.57
CA ALA B 358 12.20 21.44 11.58
C ALA B 358 13.28 21.12 10.56
N PHE B 359 13.13 21.62 9.34
CA PHE B 359 14.07 21.24 8.29
C PHE B 359 15.37 22.04 8.38
N GLU B 360 15.32 23.26 8.92
CA GLU B 360 16.57 23.93 9.28
C GLU B 360 17.44 23.01 10.16
N GLU B 361 16.84 22.46 11.21
CA GLU B 361 17.59 21.68 12.19
C GLU B 361 17.87 20.27 11.66
N PHE B 362 16.90 19.66 11.00
CA PHE B 362 17.14 18.35 10.38
C PHE B 362 18.34 18.41 9.44
N HIS B 363 18.40 19.44 8.60
CA HIS B 363 19.46 19.49 7.60
C HIS B 363 20.82 19.80 8.20
N GLN B 364 20.87 20.44 9.37
CA GLN B 364 22.16 20.59 10.05
C GLN B 364 22.69 19.24 10.52
N VAL B 365 21.80 18.29 10.76
CA VAL B 365 22.21 16.97 11.24
C VAL B 365 22.44 16.02 10.08
N VAL B 366 21.55 16.05 9.08
CA VAL B 366 21.57 15.16 7.93
C VAL B 366 21.56 16.03 6.68
N PRO B 367 22.73 16.47 6.19
CA PRO B 367 22.77 17.41 5.05
C PRO B 367 22.45 16.78 3.70
N ASP B 368 22.46 15.45 3.59
CA ASP B 368 22.26 14.78 2.33
C ASP B 368 21.61 13.43 2.59
N TYR B 369 20.56 13.14 1.83
CA TYR B 369 19.78 11.92 2.03
C TYR B 369 18.96 11.65 0.80
N ARG B 370 18.57 10.38 0.63
CA ARG B 370 17.68 9.97 -0.44
C ARG B 370 16.71 8.91 0.07
N ARG B 371 15.67 8.66 -0.73
CA ARG B 371 14.77 7.55 -0.45
C ARG B 371 15.50 6.22 -0.52
N VAL B 372 15.17 5.32 0.40
CA VAL B 372 15.60 3.93 0.27
C VAL B 372 14.79 3.22 -0.80
N ALA B 373 13.51 3.51 -0.89
CA ALA B 373 12.58 2.72 -1.68
C ALA B 373 12.19 3.38 -3.00
N ASP B 374 11.89 2.52 -3.98
CA ASP B 374 11.21 2.91 -5.22
C ASP B 374 9.72 3.03 -4.94
N GLN B 375 9.08 1.90 -4.67
CA GLN B 375 7.67 1.89 -4.31
C GLN B 375 7.56 2.03 -2.80
N LEU B 376 6.85 3.07 -2.33
CA LEU B 376 6.57 3.31 -0.93
C LEU B 376 5.13 2.91 -0.61
N PRO B 377 4.85 2.54 0.64
CA PRO B 377 3.46 2.33 1.07
C PRO B 377 2.82 3.66 1.49
N TRP B 378 1.58 3.86 1.04
CA TRP B 378 0.87 5.12 1.25
C TRP B 378 -0.27 4.90 2.24
N MET B 379 -0.52 5.90 3.08
CA MET B 379 -1.52 5.74 4.13
C MET B 379 -2.93 5.76 3.52
N PRO B 380 -3.83 4.93 4.03
CA PRO B 380 -5.20 4.89 3.50
C PRO B 380 -6.05 6.03 4.06
N SER B 381 -6.31 7.02 3.21
CA SER B 381 -7.19 8.11 3.62
C SER B 381 -7.88 8.66 2.40
N SER B 382 -9.19 8.91 2.53
CA SER B 382 -9.92 9.53 1.44
C SER B 382 -9.71 11.05 1.40
N THR B 383 -9.18 11.63 2.48
CA THR B 383 -8.93 13.06 2.60
C THR B 383 -7.46 13.41 2.48
N PHE B 384 -6.62 12.71 3.22
CA PHE B 384 -5.21 13.05 3.37
C PHE B 384 -4.34 12.10 2.57
N ARG B 385 -3.12 12.54 2.29
CA ARG B 385 -2.15 11.71 1.58
C ARG B 385 -0.76 11.88 2.15
N SER B 386 -0.12 10.78 2.51
CA SER B 386 1.27 10.78 2.93
C SER B 386 1.78 9.34 2.94
N PRO B 387 3.08 9.14 2.88
CA PRO B 387 3.61 7.79 3.02
C PRO B 387 3.42 7.23 4.42
N LEU B 388 3.16 5.92 4.49
CA LEU B 388 3.10 5.25 5.78
C LEU B 388 4.50 5.09 6.36
N VAL B 389 5.48 4.89 5.48
CA VAL B 389 6.88 4.69 5.81
C VAL B 389 7.69 5.51 4.83
N LEU B 390 8.59 6.35 5.34
CA LEU B 390 9.49 7.13 4.49
C LEU B 390 10.91 6.80 4.95
N GLN B 391 11.41 5.67 4.45
CA GLN B 391 12.75 5.21 4.78
C GLN B 391 13.78 6.05 4.03
N LEU B 392 14.65 6.73 4.77
CA LEU B 392 15.67 7.59 4.21
C LEU B 392 17.04 7.01 4.53
N LYS B 393 17.97 7.16 3.59
CA LYS B 393 19.37 6.78 3.79
C LYS B 393 20.23 8.02 3.72
N ALA B 394 21.18 8.14 4.64
CA ALA B 394 22.15 9.21 4.54
C ALA B 394 22.97 9.06 3.26
N GLN B 395 23.37 10.18 2.68
CA GLN B 395 24.12 10.17 1.43
C GLN B 395 25.35 11.06 1.48
CHA HEM C . 5.29 -24.85 -5.41
CHB HEM C . 6.02 -20.55 -7.54
CHC HEM C . 2.47 -21.58 -10.70
CHD HEM C . 1.38 -25.56 -8.20
C1A HEM C . 5.82 -23.62 -5.73
C2A HEM C . 6.97 -23.02 -5.10
C3A HEM C . 7.17 -21.82 -5.70
C4A HEM C . 6.17 -21.65 -6.72
CMA HEM C . 8.27 -20.79 -5.39
CAA HEM C . 7.81 -23.64 -3.97
CBA HEM C . 7.22 -23.36 -2.60
CGA HEM C . 8.10 -23.94 -1.52
O1A HEM C . 9.33 -24.05 -1.71
O2A HEM C . 7.57 -24.24 -0.41
C1B HEM C . 5.15 -20.47 -8.60
C2B HEM C . 5.12 -19.44 -9.60
C3B HEM C . 4.15 -19.72 -10.47
C4B HEM C . 3.51 -20.94 -10.06
CMB HEM C . 6.09 -18.24 -9.62
CAB HEM C . 3.71 -18.96 -11.74
CBB HEM C . 4.49 -18.08 -12.38
C1C HEM C . 1.88 -22.74 -10.28
C2C HEM C . 0.77 -23.39 -10.97
C3C HEM C . 0.46 -24.48 -10.27
C4C HEM C . 1.37 -24.58 -9.14
CMC HEM C . 0.13 -22.84 -12.25
CAC HEM C . -0.63 -25.55 -10.55
CBC HEM C . -1.09 -25.75 -11.78
C1D HEM C . 2.34 -25.72 -7.23
C2D HEM C . 2.42 -26.81 -6.27
C3D HEM C . 3.50 -26.62 -5.50
C4D HEM C . 4.15 -25.39 -5.95
CMD HEM C . 1.42 -27.96 -6.16
CAD HEM C . 4.00 -27.53 -4.35
CBD HEM C . 4.88 -28.64 -4.93
CGD HEM C . 5.44 -29.55 -3.86
O1D HEM C . 5.99 -30.61 -4.23
O2D HEM C . 5.36 -29.22 -2.65
NA HEM C . 5.35 -22.77 -6.71
NB HEM C . 4.15 -21.37 -8.91
NC HEM C . 2.21 -23.49 -9.18
ND HEM C . 3.41 -24.89 -6.99
FE HEM C . 3.84 -23.17 -8.00
HHB HEM C . 6.58 -19.77 -7.34
HHC HEM C . 2.13 -21.16 -11.51
HHD HEM C . 0.64 -26.20 -8.20
HMA HEM C . 8.25 -20.09 -6.08
HMAA HEM C . 9.14 -21.23 -5.40
HMAB HEM C . 8.10 -20.40 -4.52
HAA HEM C . 8.71 -23.28 -4.00
HAAA HEM C . 7.85 -24.61 -4.10
HBA HEM C . 6.34 -23.77 -2.54
HBAA HEM C . 7.14 -22.41 -2.47
HMB HEM C . 6.31 -17.98 -8.71
HMBA HEM C . 5.67 -17.49 -10.07
HMBB HEM C . 6.91 -18.49 -10.09
HAB HEM C . 2.84 -19.14 -12.10
HBB HEM C . 4.17 -17.64 -13.17
HBBA HEM C . 5.38 -17.89 -12.05
HMC HEM C . 0.09 -21.87 -12.21
HMCA HEM C . -0.77 -23.20 -12.33
HMCB HEM C . 0.65 -23.11 -13.02
HAC HEM C . -0.97 -26.08 -9.82
HBC HEM C . -1.76 -26.43 -11.94
HBCA HEM C . -0.74 -25.23 -12.52
HMD HEM C . 1.72 -28.60 -5.48
HMDA HEM C . 1.34 -28.42 -7.02
HMDB HEM C . 0.54 -27.60 -5.91
HAD HEM C . 3.25 -27.92 -3.89
HADA HEM C . 4.52 -27.00 -3.72
HBD HEM C . 5.61 -28.24 -5.42
HBDA HEM C . 4.34 -29.17 -5.54
HHA HEM C . 5.77 -25.38 -4.74
CHA HEM D . -8.39 23.45 7.85
CHB HEM D . -4.50 21.77 5.48
CHC HEM D . -1.88 22.16 9.53
CHD HEM D . -5.88 23.21 12.01
C1A HEM D . -7.57 23.03 6.84
C2A HEM D . -7.92 22.89 5.44
C3A HEM D . -6.84 22.45 4.78
C4A HEM D . -5.77 22.23 5.75
CMA HEM D . -6.71 22.14 3.27
CAA HEM D . -9.30 23.30 4.86
CBA HEM D . -10.29 22.14 4.94
CGA HEM D . -11.57 22.47 4.22
O1A HEM D . -11.55 23.27 3.24
O2A HEM D . -12.63 21.90 4.63
C1B HEM D . -3.45 21.75 6.36
C2B HEM D . -2.07 21.47 6.03
C3B HEM D . -1.37 21.59 7.17
C4B HEM D . -2.26 21.96 8.24
CMB HEM D . -1.57 21.10 4.63
CAB HEM D . 0.16 21.41 7.37
CBB HEM D . 1.03 21.62 6.39
C1C HEM D . -2.74 22.49 10.56
C2C HEM D . -2.35 22.69 11.95
C3C HEM D . -3.47 22.99 12.63
C4C HEM D . -4.57 22.97 11.70
CMC HEM D . -0.90 22.59 12.47
CAC HEM D . -3.64 23.30 14.12
CBC HEM D . -2.62 23.76 14.86
C1D HEM D . -6.89 23.37 11.08
C2D HEM D . -8.25 23.74 11.40
C3D HEM D . -8.95 23.82 10.26
C4D HEM D . -8.05 23.48 9.17
CMD HEM D . -8.77 24.01 12.83
CAD HEM D . -10.44 24.19 10.13
CBD HEM D . -10.55 25.70 9.90
CGD HEM D . -11.98 26.14 9.70
O1D HEM D . -12.21 27.37 9.82
O2D HEM D . -12.86 25.28 9.43
NA HEM D . -6.26 22.59 7.00
NB HEM D . -3.53 22.04 7.70
NC HEM D . -4.10 22.67 10.44
ND HEM D . -6.79 23.21 9.70
FE HEM D . -5.14 22.71 8.70
HHB HEM D . -4.35 21.40 4.57
HHC HEM D . -0.92 22.07 9.75
HHD HEM D . -6.13 23.29 12.95
HMA HEM D . -5.76 22.02 3.05
HMAA HEM D . -7.07 22.90 2.76
HMAB HEM D . -7.22 21.33 3.06
HAA HEM D . -9.18 23.54 3.93
HAAA HEM D . -9.64 24.04 5.36
HBA HEM D . -10.48 21.96 5.87
HBAA HEM D . -9.89 21.36 4.54
HMB HEM D . -2.23 20.55 4.19
HMBA HEM D . -0.74 20.63 4.70
HMBB HEM D . -1.44 21.92 4.11
HAB HEM D . 0.48 21.15 8.24
HBB HEM D . 1.98 21.50 6.55
HBBA HEM D . 0.72 21.89 5.51
HMC HEM D . -0.44 21.90 11.98
HMCA HEM D . -0.91 22.38 13.41
HMCB HEM D . -0.45 23.44 12.33
HAC HEM D . -4.49 23.17 14.54
HBC HEM D . -2.75 23.95 15.81
HBCA HEM D . -1.75 23.91 14.45
HMD HEM D . -9.71 24.28 12.79
HMDA HEM D . -8.24 24.74 13.23
HMDB HEM D . -8.68 23.20 13.37
HAD HEM D . -10.91 23.96 10.94
HADA HEM D . -10.82 23.73 9.37
HBD HEM D . -10.04 25.93 9.11
HBDA HEM D . -10.18 26.17 10.67
HHA HEM D . -9.30 23.73 7.60
#